data_8WP0
#
_entry.id   8WP0
#
_cell.length_a   1.00
_cell.length_b   1.00
_cell.length_c   1.00
_cell.angle_alpha   90.00
_cell.angle_beta   90.00
_cell.angle_gamma   90.00
#
_symmetry.space_group_name_H-M   'P 1'
#
loop_
_entity.id
_entity.type
_entity.pdbx_description
1 polymer 'ABC transporter B family member 19'
2 non-polymer "ADENOSINE-5'-TRIPHOSPHATE"
3 non-polymer 'MAGNESIUM ION'
#
_entity_poly.entity_id   1
_entity_poly.type   'polypeptide(L)'
_entity_poly.pdbx_seq_one_letter_code
;MSETNTTDAKTVPAEAEKKKEQSLPFFKLFSFADKFDYLLMFVGSLGAIVHGSSMPVFFLLFGQMVNGFGKNQMDLHQMV
HEVSRYSLYFVYLGLVVCFSSYAEIACWMYSGERQVAALRKKYLEAVLKQDVGFFDTDARTGDIVFSVSTDTLLVQDAIS
EKVGNFIHYLSTFLAGLVVGFVSAWKLALLSVAVIPGIAFAGGLYAYTLTGITSKSRESYANAGVIAEQAIAQVRTVYSY
VGESKALNAYSDAIQYTLKLGYKAGMAKGLGLGCTYGIACMSWALVFWYAGVFIRNGQTDGGKAFTAIFSAIVGGMSLGQ
SFSNLGAFSKGKAAGYKLMEIINQRPTIIQDPLDGKCLDQVHGNIEFKDVTFSYPSRPDVMIFRNFNIFFPSGKTVAVVG
GSGSGKSTVVSLIERFYDPNSGQILLDGVEIKTLQLKFLREQIGLVNQEPALFATTILENILYGKPDATMVEVEAAASAA
NAHSFITLLPKGYDTQVGERGVQLSGGQKQRIAIARAMLKDPKILLLDQATSALDASSESIVQEALDRVMVGRTTVVVAH
RLCTIRNVDSIAVIQQGQVVETGTHEELIAKSGAYASLIRFQEMVGTRDFSNPSTRRTRSTRLSHSLSTKSLSLRSGSLR
NLSYSYSTGADGRIEMISNAETDRKTRAPENYFYRLLKLNSPEWPYSIMGAVGSILSGFIGPTFAIVMSNMIEVFYYTDY
DSMERKTKEYVFIYIGAGLYAVGAYLIQHYFFSIMGENLTTRVRRMMLSAILRNEVGWFDEDEHNSSLIAARLATDAADV
KSAIAERISVILQNMTSLLTSFIVAFIVEWRVSLLILGTFPLLVLANFAQQLSLKGFAGDTAKAHAKTSMIAGEGVSNIR
TVAAFNAQSKILSLFCHELRVPQKRSLYRSQTSGFLFGLSQLALYGSEALILWYGAHLVSKGVSTFSKVIKVFVVLVITA
NSVAETVSLAPEIIRGGEAVGSVFSVLDRQTRIDPDDADADPVETIRGDIEFRHVDFAYPSRPDVMVFRDFNLRIRAGHS
QALVGASGSGKSSVIAMIERFYDPLAGKVMIDGKDIRRLNLKSLRLKIGLVQQEPALFAATIFDNIAYGKDGATESEVID
AARAANAHGFISGLPEGYKTPVGERGVQLSGGQKQRIAIARAVLKNPTVLLLDQATSALDAESECVLQEALERLMRGRTT
VVVAHRLSTIRGVDCIGVIQDGRIVEQGSHSELVSRPEGAYSRLLQLQTHRI
;
_entity_poly.pdbx_strand_id   A
#
loop_
_chem_comp.id
_chem_comp.type
_chem_comp.name
_chem_comp.formula
ATP non-polymer ADENOSINE-5'-TRIPHOSPHATE 'C10 H16 N5 O13 P3'
MG non-polymer 'MAGNESIUM ION' 'Mg 2'
#
# COMPACT_ATOMS: atom_id res chain seq x y z
N GLU A 21 -1.78 20.41 9.16
CA GLU A 21 -2.20 21.76 8.78
C GLU A 21 -3.42 22.19 9.57
N GLN A 22 -4.28 22.99 8.94
CA GLN A 22 -5.51 23.44 9.58
C GLN A 22 -6.51 22.29 9.66
N SER A 23 -7.57 22.51 10.42
CA SER A 23 -8.59 21.48 10.61
C SER A 23 -9.94 22.15 10.84
N LEU A 24 -10.99 21.50 10.37
CA LEU A 24 -12.34 21.88 10.69
C LEU A 24 -12.65 21.52 12.15
N PRO A 25 -13.70 22.08 12.73
CA PRO A 25 -14.22 21.54 13.98
C PRO A 25 -14.86 20.17 13.78
N PHE A 26 -15.32 19.56 14.88
CA PHE A 26 -16.01 18.30 14.73
C PHE A 26 -17.37 18.49 14.09
N PHE A 27 -18.02 19.61 14.37
CA PHE A 27 -19.16 20.01 13.58
C PHE A 27 -18.65 20.68 12.30
N LYS A 28 -19.59 20.95 11.38
CA LYS A 28 -19.46 21.24 9.94
C LYS A 28 -19.11 19.99 9.13
N LEU A 29 -18.85 18.86 9.79
CA LEU A 29 -18.87 17.56 9.12
C LEU A 29 -20.29 17.06 8.94
N PHE A 30 -21.23 17.59 9.73
CA PHE A 30 -22.65 17.27 9.61
C PHE A 30 -23.39 18.34 8.82
N SER A 31 -22.73 18.96 7.84
CA SER A 31 -23.35 20.04 7.08
C SER A 31 -23.98 19.57 5.76
N PHE A 32 -23.87 18.29 5.44
CA PHE A 32 -24.53 17.72 4.26
C PHE A 32 -25.74 16.89 4.66
N ALA A 33 -26.44 17.31 5.71
CA ALA A 33 -27.56 16.57 6.26
C ALA A 33 -28.88 17.21 5.83
N ASP A 34 -29.70 16.46 5.12
CA ASP A 34 -31.04 16.91 4.78
C ASP A 34 -32.01 16.59 5.94
N LYS A 35 -33.30 16.85 5.72
CA LYS A 35 -34.29 16.69 6.77
C LYS A 35 -34.54 15.24 7.15
N PHE A 36 -34.12 14.28 6.33
CA PHE A 36 -34.22 12.88 6.70
C PHE A 36 -33.02 12.41 7.50
N ASP A 37 -31.94 13.19 7.53
CA ASP A 37 -30.79 12.88 8.37
C ASP A 37 -30.89 13.47 9.76
N TYR A 38 -31.72 14.50 9.96
CA TYR A 38 -31.99 14.98 11.30
C TYR A 38 -33.02 14.12 12.02
N LEU A 39 -33.57 13.12 11.36
CA LEU A 39 -34.48 12.17 11.99
C LEU A 39 -33.80 10.86 12.34
N LEU A 40 -32.76 10.47 11.62
CA LEU A 40 -32.03 9.25 11.94
C LEU A 40 -30.96 9.45 13.00
N MET A 41 -30.48 10.67 13.19
CA MET A 41 -29.56 10.96 14.27
C MET A 41 -30.28 11.32 15.56
N PHE A 42 -31.61 11.27 15.57
CA PHE A 42 -32.41 11.47 16.77
C PHE A 42 -33.02 10.18 17.28
N VAL A 43 -33.51 9.32 16.39
CA VAL A 43 -33.94 7.99 16.81
C VAL A 43 -32.73 7.14 17.14
N GLY A 44 -31.61 7.39 16.47
CA GLY A 44 -30.37 6.71 16.75
C GLY A 44 -29.58 7.28 17.90
N SER A 45 -30.09 8.33 18.55
CA SER A 45 -29.48 8.84 19.77
C SER A 45 -30.38 8.64 20.98
N LEU A 46 -31.51 7.96 20.81
CA LEU A 46 -32.20 7.35 21.93
C LEU A 46 -31.86 5.88 22.04
N GLY A 47 -31.48 5.26 20.93
CA GLY A 47 -30.97 3.91 20.99
C GLY A 47 -29.62 3.77 21.63
N ALA A 48 -28.84 4.85 21.69
CA ALA A 48 -27.53 4.80 22.31
C ALA A 48 -27.55 5.07 23.81
N ILE A 49 -28.64 5.66 24.32
CA ILE A 49 -28.73 5.97 25.75
C ILE A 49 -29.53 4.88 26.46
N VAL A 50 -30.50 4.27 25.78
CA VAL A 50 -31.27 3.20 26.38
C VAL A 50 -30.50 1.89 26.37
N HIS A 51 -29.65 1.67 25.36
CA HIS A 51 -28.74 0.52 25.39
C HIS A 51 -27.61 0.75 26.40
N GLY A 52 -27.29 2.01 26.68
CA GLY A 52 -26.22 2.28 27.63
C GLY A 52 -26.66 2.05 29.07
N SER A 53 -27.86 2.50 29.42
CA SER A 53 -28.40 2.33 30.76
C SER A 53 -29.21 1.03 30.86
N SER A 54 -28.53 -0.06 30.52
CA SER A 54 -29.08 -1.40 30.66
C SER A 54 -28.15 -2.35 31.39
N MET A 55 -26.85 -2.16 31.32
CA MET A 55 -25.90 -2.90 32.13
C MET A 55 -25.87 -2.43 33.58
N PRO A 56 -25.98 -1.14 33.93
CA PRO A 56 -26.22 -0.79 35.33
C PRO A 56 -27.64 -0.99 35.82
N VAL A 57 -28.54 -1.57 35.02
CA VAL A 57 -29.90 -1.86 35.48
C VAL A 57 -30.02 -3.37 35.61
N PHE A 58 -29.20 -4.09 34.83
CA PHE A 58 -29.04 -5.52 35.05
C PHE A 58 -28.48 -5.81 36.43
N PHE A 59 -27.57 -4.97 36.92
CA PHE A 59 -27.00 -5.11 38.25
C PHE A 59 -27.93 -4.63 39.35
N LEU A 60 -29.05 -3.99 39.00
CA LEU A 60 -30.07 -3.61 39.95
C LEU A 60 -31.18 -4.66 40.04
N LEU A 61 -31.42 -5.40 38.97
CA LEU A 61 -32.38 -6.49 38.99
C LEU A 61 -31.77 -7.79 39.51
N PHE A 62 -30.50 -8.04 39.18
CA PHE A 62 -29.83 -9.22 39.73
C PHE A 62 -29.42 -8.99 41.19
N GLY A 63 -29.40 -7.74 41.65
CA GLY A 63 -29.13 -7.46 43.05
C GLY A 63 -30.35 -7.60 43.92
N GLN A 64 -31.51 -7.16 43.42
CA GLN A 64 -32.75 -7.30 44.18
C GLN A 64 -33.32 -8.70 44.13
N MET A 65 -32.83 -9.56 43.23
CA MET A 65 -33.27 -10.95 43.23
C MET A 65 -32.66 -11.71 44.40
N VAL A 66 -31.36 -11.51 44.64
CA VAL A 66 -30.64 -12.19 45.70
C VAL A 66 -31.19 -11.85 47.08
N ASN A 67 -31.73 -10.63 47.24
CA ASN A 67 -32.43 -10.31 48.47
C ASN A 67 -33.72 -11.10 48.65
N GLY A 68 -34.44 -11.39 47.56
CA GLY A 68 -35.61 -12.22 47.69
C GLY A 68 -35.23 -13.68 47.75
N PHE A 69 -34.16 -14.01 47.04
CA PHE A 69 -33.63 -15.38 46.97
C PHE A 69 -32.46 -15.52 47.93
N GLY A 70 -32.78 -15.55 49.22
CA GLY A 70 -31.71 -15.64 50.21
C GLY A 70 -31.96 -14.98 51.55
N LYS A 71 -32.91 -14.04 51.63
CA LYS A 71 -33.49 -13.71 52.92
C LYS A 71 -34.56 -14.71 53.32
N ASN A 72 -35.22 -15.32 52.35
CA ASN A 72 -36.29 -16.28 52.57
C ASN A 72 -35.75 -17.71 52.59
N GLN A 73 -34.73 -17.97 53.42
CA GLN A 73 -34.22 -19.32 53.56
C GLN A 73 -35.06 -20.16 54.50
N MET A 74 -35.93 -19.54 55.29
CA MET A 74 -36.81 -20.24 56.22
C MET A 74 -38.24 -20.35 55.72
N ASP A 75 -38.61 -19.56 54.71
CA ASP A 75 -39.96 -19.52 54.16
C ASP A 75 -39.83 -19.73 52.66
N LEU A 76 -40.01 -20.97 52.22
CA LEU A 76 -39.82 -21.33 50.82
C LEU A 76 -41.06 -21.09 49.96
N HIS A 77 -42.01 -20.29 50.42
CA HIS A 77 -43.13 -19.84 49.60
C HIS A 77 -43.01 -18.37 49.24
N GLN A 78 -42.37 -17.58 50.10
CA GLN A 78 -42.04 -16.21 49.75
C GLN A 78 -40.90 -16.16 48.74
N MET A 79 -40.09 -17.23 48.69
CA MET A 79 -38.99 -17.30 47.73
C MET A 79 -39.49 -17.39 46.30
N VAL A 80 -40.45 -18.29 46.05
CA VAL A 80 -40.87 -18.59 44.68
C VAL A 80 -41.67 -17.43 44.10
N HIS A 81 -42.32 -16.64 44.94
CA HIS A 81 -43.10 -15.51 44.44
C HIS A 81 -42.22 -14.28 44.21
N GLU A 82 -40.98 -14.31 44.67
CA GLU A 82 -40.06 -13.20 44.47
C GLU A 82 -38.88 -13.54 43.59
N VAL A 83 -38.84 -14.73 43.00
CA VAL A 83 -37.93 -15.05 41.92
C VAL A 83 -38.68 -15.17 40.59
N SER A 84 -39.94 -15.61 40.64
CA SER A 84 -40.78 -15.61 39.45
C SER A 84 -41.15 -14.20 39.00
N ARG A 85 -41.05 -13.21 39.89
CA ARG A 85 -41.38 -11.84 39.53
C ARG A 85 -40.17 -11.13 38.92
N TYR A 86 -38.98 -11.31 39.50
CA TYR A 86 -37.78 -10.68 38.97
C TYR A 86 -37.16 -11.42 37.79
N SER A 87 -37.52 -12.68 37.55
CA SER A 87 -37.12 -13.33 36.30
C SER A 87 -38.09 -13.02 35.18
N LEU A 88 -39.18 -12.33 35.47
CA LEU A 88 -40.00 -11.73 34.43
C LEU A 88 -39.46 -10.36 34.05
N TYR A 89 -38.67 -9.73 34.92
CA TYR A 89 -38.08 -8.44 34.63
C TYR A 89 -36.80 -8.56 33.81
N PHE A 90 -36.28 -9.77 33.60
CA PHE A 90 -35.20 -9.96 32.64
C PHE A 90 -35.71 -10.15 31.22
N VAL A 91 -36.90 -10.72 31.06
CA VAL A 91 -37.49 -10.78 29.73
C VAL A 91 -37.95 -9.38 29.31
N TYR A 92 -38.32 -8.54 30.29
CA TYR A 92 -38.65 -7.16 29.96
C TYR A 92 -37.41 -6.34 29.71
N LEU A 93 -36.27 -6.72 30.31
CA LEU A 93 -35.02 -6.04 30.02
C LEU A 93 -34.41 -6.50 28.71
N GLY A 94 -34.78 -7.69 28.23
CA GLY A 94 -34.31 -8.13 26.94
C GLY A 94 -34.99 -7.40 25.79
N LEU A 95 -36.28 -7.13 25.91
CA LEU A 95 -37.03 -6.48 24.83
C LEU A 95 -36.71 -4.99 24.73
N VAL A 96 -36.06 -4.42 25.75
CA VAL A 96 -35.66 -3.02 25.71
C VAL A 96 -34.22 -2.92 25.20
N VAL A 97 -33.46 -4.02 25.28
CA VAL A 97 -32.13 -4.06 24.66
C VAL A 97 -32.22 -4.53 23.21
N CYS A 98 -33.24 -5.31 22.87
CA CYS A 98 -33.38 -5.80 21.50
C CYS A 98 -33.84 -4.68 20.56
N PHE A 99 -34.80 -3.87 20.99
CA PHE A 99 -35.37 -2.82 20.14
C PHE A 99 -34.66 -1.48 20.30
N SER A 100 -33.61 -1.41 21.12
CA SER A 100 -32.80 -0.20 21.21
C SER A 100 -31.35 -0.39 20.82
N SER A 101 -30.87 -1.62 20.69
CA SER A 101 -29.60 -1.83 20.00
C SER A 101 -29.80 -1.98 18.50
N TYR A 102 -31.03 -2.26 18.08
CA TYR A 102 -31.43 -2.18 16.69
C TYR A 102 -31.44 -0.75 16.19
N ALA A 103 -31.71 0.21 17.07
CA ALA A 103 -31.91 1.59 16.64
C ALA A 103 -30.64 2.42 16.64
N GLU A 104 -29.54 1.92 17.19
CA GLU A 104 -28.28 2.66 17.14
C GLU A 104 -27.35 2.16 16.05
N ILE A 105 -27.65 1.01 15.44
CA ILE A 105 -26.85 0.44 14.38
C ILE A 105 -27.51 0.63 13.02
N ALA A 106 -28.84 0.45 12.96
CA ALA A 106 -29.53 0.64 11.70
C ALA A 106 -29.78 2.11 11.37
N CYS A 107 -29.54 3.02 12.31
CA CYS A 107 -29.79 4.43 12.09
C CYS A 107 -28.54 5.28 12.04
N TRP A 108 -27.41 4.77 12.54
CA TRP A 108 -26.14 5.47 12.38
C TRP A 108 -25.28 4.92 11.24
N MET A 109 -25.62 3.76 10.69
CA MET A 109 -24.88 3.26 9.54
C MET A 109 -25.46 3.75 8.23
N TYR A 110 -26.78 3.95 8.18
CA TYR A 110 -27.42 4.44 6.97
C TYR A 110 -27.44 5.96 6.88
N SER A 111 -27.42 6.66 8.02
CA SER A 111 -27.33 8.11 8.01
C SER A 111 -25.90 8.62 7.86
N GLY A 112 -24.92 7.76 8.08
CA GLY A 112 -23.54 8.11 7.77
C GLY A 112 -23.15 7.80 6.36
N GLU A 113 -23.99 7.05 5.65
CA GLU A 113 -23.82 6.79 4.23
C GLU A 113 -24.37 7.92 3.37
N ARG A 114 -25.58 8.39 3.67
CA ARG A 114 -26.25 9.41 2.86
C ARG A 114 -25.62 10.79 3.00
N GLN A 115 -24.72 11.01 3.94
CA GLN A 115 -24.04 12.28 4.08
C GLN A 115 -22.71 12.31 3.36
N VAL A 116 -21.96 11.22 3.41
CA VAL A 116 -20.71 11.12 2.66
C VAL A 116 -20.97 10.89 1.17
N ALA A 117 -22.08 10.25 0.81
CA ALA A 117 -22.41 10.06 -0.60
C ALA A 117 -23.10 11.26 -1.22
N ALA A 118 -23.24 12.36 -0.48
CA ALA A 118 -23.56 13.65 -1.05
C ALA A 118 -22.40 14.63 -0.93
N LEU A 119 -21.38 14.27 -0.16
CA LEU A 119 -20.07 14.90 -0.24
C LEU A 119 -19.35 14.53 -1.53
N ARG A 120 -19.54 13.30 -1.99
CA ARG A 120 -18.88 12.84 -3.22
C ARG A 120 -19.47 13.51 -4.45
N LYS A 121 -20.73 13.94 -4.37
CA LYS A 121 -21.39 14.52 -5.53
C LYS A 121 -21.10 16.01 -5.66
N LYS A 122 -20.74 16.69 -4.57
CA LYS A 122 -20.41 18.12 -4.65
C LYS A 122 -18.91 18.36 -4.73
N TYR A 123 -18.10 17.41 -4.28
CA TYR A 123 -16.67 17.48 -4.51
C TYR A 123 -16.34 17.21 -5.97
N LEU A 124 -17.16 16.42 -6.67
CA LEU A 124 -16.87 16.13 -8.06
C LEU A 124 -17.50 17.17 -9.00
N GLU A 125 -18.57 17.85 -8.55
CA GLU A 125 -18.99 19.06 -9.26
C GLU A 125 -17.96 20.16 -9.13
N ALA A 126 -17.26 20.20 -8.00
CA ALA A 126 -16.19 21.16 -7.82
C ALA A 126 -14.96 20.77 -8.61
N VAL A 127 -14.54 19.51 -8.54
CA VAL A 127 -13.45 19.08 -9.40
C VAL A 127 -14.05 18.49 -10.67
N LEU A 128 -14.68 19.36 -11.45
CA LEU A 128 -14.82 19.27 -12.89
C LEU A 128 -14.86 20.67 -13.49
N LYS A 129 -14.73 21.70 -12.68
CA LYS A 129 -15.09 23.07 -13.02
C LYS A 129 -13.96 24.04 -12.74
N GLN A 130 -12.94 23.60 -12.00
CA GLN A 130 -11.69 24.33 -11.91
C GLN A 130 -11.00 24.39 -13.27
N ASP A 131 -10.06 25.32 -13.38
CA ASP A 131 -9.31 25.50 -14.62
C ASP A 131 -8.46 24.27 -14.92
N VAL A 132 -8.25 23.99 -16.20
CA VAL A 132 -7.51 22.80 -16.59
C VAL A 132 -6.02 22.95 -16.27
N GLY A 133 -5.53 24.19 -16.20
CA GLY A 133 -4.17 24.45 -15.77
C GLY A 133 -3.89 24.20 -14.30
N PHE A 134 -4.93 23.93 -13.50
CA PHE A 134 -4.73 23.51 -12.12
C PHE A 134 -4.04 22.15 -12.06
N PHE A 135 -4.38 21.25 -12.98
CA PHE A 135 -3.83 19.91 -13.04
C PHE A 135 -2.68 19.91 -14.04
N ASP A 136 -1.45 19.97 -13.54
CA ASP A 136 -0.28 19.94 -14.40
C ASP A 136 0.65 18.78 -14.04
N THR A 137 0.09 17.74 -13.39
CA THR A 137 0.71 16.45 -13.11
C THR A 137 1.86 16.58 -12.08
N ASP A 138 2.09 17.78 -11.58
CA ASP A 138 3.17 18.08 -10.64
C ASP A 138 2.76 17.73 -9.21
N ALA A 139 2.43 16.45 -9.01
CA ALA A 139 1.85 15.88 -7.78
C ALA A 139 0.58 16.61 -7.35
N ARG A 140 -0.16 17.13 -8.33
CA ARG A 140 -1.45 17.77 -8.09
C ARG A 140 -2.59 16.81 -8.37
N THR A 141 -2.58 16.14 -9.52
CA THR A 141 -3.51 15.06 -9.80
C THR A 141 -2.95 13.71 -9.37
N GLY A 142 -2.42 13.68 -8.15
CA GLY A 142 -2.04 12.49 -7.44
C GLY A 142 -2.42 12.73 -5.99
N ASP A 143 -2.92 13.93 -5.75
CA ASP A 143 -3.52 14.32 -4.48
C ASP A 143 -5.03 14.47 -4.58
N ILE A 144 -5.52 14.98 -5.71
CA ILE A 144 -6.96 14.98 -5.99
C ILE A 144 -7.47 13.55 -6.11
N VAL A 145 -6.71 12.69 -6.79
CA VAL A 145 -7.07 11.29 -6.92
C VAL A 145 -6.96 10.57 -5.58
N PHE A 146 -6.07 11.03 -4.71
CA PHE A 146 -5.96 10.43 -3.38
C PHE A 146 -7.02 10.97 -2.42
N SER A 147 -7.44 12.24 -2.59
CA SER A 147 -8.44 12.80 -1.69
C SER A 147 -9.83 12.26 -1.97
N VAL A 148 -10.10 11.82 -3.20
CA VAL A 148 -11.38 11.19 -3.50
C VAL A 148 -11.37 9.72 -3.12
N SER A 149 -10.19 9.12 -2.96
CA SER A 149 -10.06 7.70 -2.64
C SER A 149 -10.04 7.41 -1.15
N THR A 150 -9.38 8.25 -0.35
CA THR A 150 -9.14 7.91 1.05
C THR A 150 -9.65 8.98 2.00
N ASP A 151 -9.54 10.27 1.64
CA ASP A 151 -10.02 11.34 2.51
C ASP A 151 -11.54 11.36 2.63
N THR A 152 -12.26 10.77 1.68
CA THR A 152 -13.70 10.63 1.83
C THR A 152 -14.09 9.45 2.70
N LEU A 153 -13.22 8.44 2.82
CA LEU A 153 -13.48 7.32 3.70
C LEU A 153 -13.08 7.58 5.14
N LEU A 154 -12.39 8.70 5.40
CA LEU A 154 -12.06 9.05 6.77
C LEU A 154 -13.14 9.90 7.41
N VAL A 155 -13.89 10.66 6.61
CA VAL A 155 -15.08 11.33 7.11
C VAL A 155 -16.16 10.31 7.44
N GLN A 156 -16.26 9.25 6.62
CA GLN A 156 -17.29 8.24 6.84
C GLN A 156 -16.97 7.35 8.03
N ASP A 157 -15.68 7.15 8.32
CA ASP A 157 -15.30 6.44 9.53
C ASP A 157 -15.63 7.25 10.78
N ALA A 158 -15.56 8.57 10.68
CA ALA A 158 -15.65 9.42 11.87
C ALA A 158 -17.10 9.66 12.29
N ILE A 159 -17.99 9.87 11.32
CA ILE A 159 -19.33 10.34 11.67
C ILE A 159 -20.42 9.27 11.54
N SER A 160 -20.10 8.06 11.08
CA SER A 160 -21.16 7.08 10.91
C SER A 160 -21.47 6.37 12.22
N GLU A 161 -20.55 5.54 12.70
CA GLU A 161 -20.90 4.58 13.73
C GLU A 161 -20.00 4.64 14.95
N LYS A 162 -18.88 5.36 14.89
CA LYS A 162 -18.11 5.66 16.08
C LYS A 162 -18.67 6.84 16.86
N VAL A 163 -19.79 7.41 16.43
CA VAL A 163 -20.51 8.38 17.25
C VAL A 163 -21.56 7.67 18.10
N GLY A 164 -22.09 6.54 17.62
CA GLY A 164 -22.94 5.71 18.46
C GLY A 164 -22.20 5.06 19.61
N ASN A 165 -20.97 4.60 19.38
CA ASN A 165 -20.13 4.08 20.46
C ASN A 165 -19.70 5.17 21.43
N PHE A 166 -19.67 6.43 21.00
CA PHE A 166 -19.32 7.52 21.92
C PHE A 166 -20.45 7.78 22.90
N ILE A 167 -21.70 7.67 22.44
CA ILE A 167 -22.84 7.98 23.30
C ILE A 167 -23.21 6.77 24.15
N HIS A 168 -22.95 5.56 23.65
CA HIS A 168 -23.24 4.33 24.37
C HIS A 168 -22.47 4.24 25.68
N TYR A 169 -21.14 4.32 25.62
CA TYR A 169 -20.34 4.10 26.81
C TYR A 169 -20.17 5.34 27.67
N LEU A 170 -20.48 6.52 27.17
CA LEU A 170 -20.52 7.69 28.02
C LEU A 170 -21.74 7.69 28.91
N SER A 171 -22.86 7.16 28.43
CA SER A 171 -24.05 7.04 29.25
C SER A 171 -24.07 5.78 30.09
N THR A 172 -23.17 4.83 29.82
CA THR A 172 -22.95 3.73 30.75
C THR A 172 -22.19 4.21 31.97
N PHE A 173 -21.34 5.23 31.79
CA PHE A 173 -20.67 5.87 32.90
C PHE A 173 -21.65 6.67 33.76
N LEU A 174 -22.49 7.49 33.13
CA LEU A 174 -23.38 8.36 33.89
C LEU A 174 -24.53 7.60 34.54
N ALA A 175 -24.95 6.47 33.99
CA ALA A 175 -25.96 5.65 34.62
C ALA A 175 -25.37 4.63 35.59
N GLY A 176 -24.08 4.35 35.49
CA GLY A 176 -23.41 3.52 36.46
C GLY A 176 -23.13 4.19 37.78
N LEU A 177 -23.18 5.52 37.83
CA LEU A 177 -22.99 6.26 39.06
C LEU A 177 -24.29 6.55 39.79
N VAL A 178 -25.39 6.78 39.06
CA VAL A 178 -26.66 7.05 39.68
C VAL A 178 -27.27 5.80 40.33
N VAL A 179 -27.16 4.64 39.69
CA VAL A 179 -27.51 3.38 40.34
C VAL A 179 -26.57 3.11 41.51
N GLY A 180 -25.30 3.50 41.37
CA GLY A 180 -24.35 3.30 42.45
C GLY A 180 -24.57 4.14 43.69
N PHE A 181 -24.79 5.44 43.51
CA PHE A 181 -24.91 6.36 44.65
C PHE A 181 -26.31 6.44 45.24
N VAL A 182 -27.26 5.67 44.73
CA VAL A 182 -28.58 5.59 45.36
C VAL A 182 -28.67 4.36 46.28
N SER A 183 -28.05 3.24 45.88
CA SER A 183 -28.13 2.03 46.69
C SER A 183 -27.28 2.13 47.94
N ALA A 184 -25.98 2.30 47.78
CA ALA A 184 -25.08 2.48 48.92
C ALA A 184 -24.00 3.47 48.50
N TRP A 185 -24.04 4.67 49.08
CA TRP A 185 -23.16 5.73 48.60
C TRP A 185 -21.77 5.69 49.21
N LYS A 186 -21.59 5.03 50.36
CA LYS A 186 -20.25 4.86 50.89
C LYS A 186 -19.44 3.82 50.13
N LEU A 187 -20.08 2.72 49.71
CA LEU A 187 -19.43 1.72 48.88
C LEU A 187 -19.30 2.15 47.43
N ALA A 188 -19.96 3.22 47.01
CA ALA A 188 -19.78 3.76 45.69
C ALA A 188 -18.70 4.85 45.65
N LEU A 189 -18.06 5.12 46.78
CA LEU A 189 -16.85 5.93 46.81
C LEU A 189 -15.59 5.10 46.99
N LEU A 190 -15.68 3.97 47.68
CA LEU A 190 -14.54 3.08 47.80
C LEU A 190 -14.28 2.34 46.50
N SER A 191 -15.29 2.23 45.65
CA SER A 191 -15.17 1.52 44.38
C SER A 191 -14.83 2.44 43.22
N VAL A 192 -14.86 3.76 43.43
CA VAL A 192 -14.42 4.72 42.44
C VAL A 192 -12.98 5.18 42.72
N ALA A 193 -12.61 5.33 43.99
CA ALA A 193 -11.25 5.64 44.39
C ALA A 193 -10.24 4.54 44.04
N VAL A 194 -10.71 3.31 43.88
CA VAL A 194 -9.87 2.22 43.40
C VAL A 194 -9.47 2.38 41.93
N ILE A 195 -10.32 3.04 41.14
CA ILE A 195 -10.08 3.11 39.68
C ILE A 195 -8.82 3.87 39.29
N PRO A 196 -8.42 4.99 39.93
CA PRO A 196 -7.06 5.50 39.67
C PRO A 196 -5.94 4.57 40.11
N GLY A 197 -6.16 3.70 41.10
CA GLY A 197 -5.14 2.75 41.48
C GLY A 197 -4.89 1.63 40.48
N ILE A 198 -5.83 1.40 39.57
CA ILE A 198 -5.70 0.38 38.54
C ILE A 198 -5.25 0.98 37.21
N ALA A 199 -5.79 2.14 36.86
CA ALA A 199 -5.44 2.78 35.59
C ALA A 199 -4.05 3.42 35.63
N PHE A 200 -3.50 3.67 36.81
CA PHE A 200 -2.11 4.12 36.91
C PHE A 200 -1.14 3.02 36.48
N ALA A 201 -1.18 1.86 37.14
CA ALA A 201 -0.27 0.78 36.79
C ALA A 201 -0.66 0.07 35.51
N GLY A 202 -1.88 0.29 35.02
CA GLY A 202 -2.29 -0.15 33.71
C GLY A 202 -2.00 0.86 32.62
N GLY A 203 -1.56 2.06 32.98
CA GLY A 203 -1.14 3.08 32.04
C GLY A 203 0.34 3.37 32.07
N LEU A 204 1.00 3.15 33.21
CA LEU A 204 2.46 3.19 33.29
C LEU A 204 3.10 1.99 32.60
N TYR A 205 2.37 0.88 32.53
CA TYR A 205 2.79 -0.25 31.70
C TYR A 205 2.89 0.13 30.23
N ALA A 206 1.84 0.74 29.68
CA ALA A 206 1.79 1.09 28.26
C ALA A 206 2.82 2.15 27.86
N TYR A 207 3.34 2.92 28.81
CA TYR A 207 4.43 3.85 28.56
C TYR A 207 5.77 3.14 28.42
N THR A 208 6.06 2.20 29.32
CA THR A 208 7.34 1.50 29.29
C THR A 208 7.36 0.35 28.31
N LEU A 209 6.28 0.15 27.55
CA LEU A 209 6.30 -0.87 26.50
C LEU A 209 6.57 -0.24 25.14
N THR A 210 6.16 1.02 24.96
CA THR A 210 6.52 1.76 23.75
C THR A 210 7.98 2.20 23.81
N GLY A 211 8.52 2.36 25.03
CA GLY A 211 9.91 2.76 25.17
C GLY A 211 10.91 1.66 24.84
N ILE A 212 10.45 0.42 24.66
CA ILE A 212 11.29 -0.67 24.23
C ILE A 212 11.01 -0.92 22.75
N THR A 213 9.74 -0.80 22.36
CA THR A 213 9.34 -1.02 20.98
C THR A 213 9.94 0.05 20.05
N SER A 214 10.08 1.27 20.55
CA SER A 214 10.69 2.32 19.72
C SER A 214 12.20 2.14 19.61
N LYS A 215 12.84 1.54 20.62
CA LYS A 215 14.26 1.25 20.51
C LYS A 215 14.52 0.02 19.66
N SER A 216 13.52 -0.85 19.52
CA SER A 216 13.64 -1.98 18.61
C SER A 216 13.61 -1.54 17.16
N ARG A 217 12.72 -0.60 16.83
CA ARG A 217 12.68 -0.02 15.49
C ARG A 217 13.91 0.81 15.19
N GLU A 218 14.58 1.31 16.23
CA GLU A 218 15.79 2.10 16.03
C GLU A 218 17.02 1.22 15.90
N SER A 219 17.07 0.09 16.63
CA SER A 219 18.23 -0.78 16.57
C SER A 219 18.16 -1.76 15.40
N TYR A 220 17.07 -1.73 14.63
CA TYR A 220 16.94 -2.58 13.45
C TYR A 220 17.49 -1.93 12.19
N ALA A 221 17.49 -0.60 12.11
CA ALA A 221 17.87 0.08 10.88
C ALA A 221 19.37 0.02 10.59
N ASN A 222 20.18 -0.45 11.54
CA ASN A 222 21.56 -0.78 11.24
C ASN A 222 21.62 -2.01 10.33
N ALA A 223 20.73 -2.97 10.54
CA ALA A 223 20.57 -4.11 9.64
C ALA A 223 19.48 -3.87 8.60
N GLY A 224 18.88 -2.69 8.59
CA GLY A 224 17.87 -2.39 7.59
C GLY A 224 18.41 -1.83 6.30
N VAL A 225 19.69 -1.50 6.27
CA VAL A 225 20.32 -1.02 5.05
C VAL A 225 21.31 -2.03 4.46
N ILE A 226 21.73 -3.03 5.25
CA ILE A 226 22.65 -4.04 4.72
C ILE A 226 21.90 -5.03 3.85
N ALA A 227 20.67 -5.38 4.25
CA ALA A 227 19.76 -6.10 3.35
C ALA A 227 19.36 -5.24 2.17
N GLU A 228 19.26 -3.93 2.35
CA GLU A 228 18.78 -3.03 1.31
C GLU A 228 19.81 -2.84 0.19
N GLN A 229 21.09 -2.77 0.54
CA GLN A 229 22.14 -2.59 -0.46
C GLN A 229 22.30 -3.80 -1.35
N ALA A 230 22.23 -5.00 -0.78
CA ALA A 230 22.44 -6.22 -1.55
C ALA A 230 21.29 -6.58 -2.47
N ILE A 231 20.18 -5.85 -2.42
CA ILE A 231 19.07 -6.08 -3.33
C ILE A 231 19.12 -5.06 -4.46
N ALA A 232 19.37 -3.80 -4.11
CA ALA A 232 19.39 -2.74 -5.12
C ALA A 232 20.67 -2.75 -5.93
N GLN A 233 21.73 -3.41 -5.43
CA GLN A 233 22.99 -3.55 -6.14
C GLN A 233 23.34 -5.01 -6.36
N VAL A 234 22.37 -5.81 -6.81
CA VAL A 234 22.53 -7.26 -6.85
C VAL A 234 23.47 -7.70 -7.96
N ARG A 235 23.72 -6.85 -8.96
CA ARG A 235 24.62 -7.24 -10.04
C ARG A 235 26.07 -7.21 -9.59
N THR A 236 26.37 -6.46 -8.53
CA THR A 236 27.73 -6.37 -8.01
C THR A 236 28.01 -7.43 -6.95
N VAL A 237 26.98 -7.86 -6.23
CA VAL A 237 27.13 -8.94 -5.25
C VAL A 237 27.36 -10.26 -5.96
N TYR A 238 26.91 -10.39 -7.20
CA TYR A 238 27.11 -11.62 -7.96
C TYR A 238 28.46 -11.68 -8.66
N SER A 239 28.94 -10.56 -9.22
CA SER A 239 30.17 -10.58 -10.00
C SER A 239 31.39 -10.79 -9.10
N TYR A 240 31.41 -10.14 -7.94
CA TYR A 240 32.38 -10.41 -6.90
C TYR A 240 31.65 -11.23 -5.85
N VAL A 241 32.06 -12.48 -5.66
CA VAL A 241 31.20 -13.44 -4.97
C VAL A 241 31.22 -13.17 -3.47
N GLY A 242 30.31 -12.31 -3.05
CA GLY A 242 30.19 -11.90 -1.67
C GLY A 242 28.75 -11.96 -1.21
N GLU A 243 28.01 -12.94 -1.73
CA GLU A 243 26.66 -13.23 -1.27
C GLU A 243 26.65 -14.17 -0.08
N SER A 244 27.82 -14.57 0.41
CA SER A 244 27.95 -15.33 1.65
C SER A 244 28.47 -14.48 2.80
N LYS A 245 28.78 -13.21 2.54
CA LYS A 245 29.13 -12.26 3.59
C LYS A 245 28.28 -11.00 3.54
N ALA A 246 27.17 -11.04 2.81
CA ALA A 246 26.06 -10.13 3.05
C ALA A 246 25.04 -10.74 3.99
N LEU A 247 25.26 -11.99 4.40
CA LEU A 247 24.53 -12.66 5.47
C LEU A 247 25.25 -12.52 6.80
N ASN A 248 26.57 -12.68 6.79
CA ASN A 248 27.36 -12.56 8.01
C ASN A 248 27.47 -11.12 8.49
N ALA A 249 27.10 -10.14 7.67
CA ALA A 249 26.93 -8.78 8.16
C ALA A 249 25.47 -8.47 8.41
N TYR A 250 24.59 -9.42 8.12
CA TYR A 250 23.18 -9.29 8.45
C TYR A 250 22.81 -10.18 9.63
N SER A 251 23.60 -11.22 9.90
CA SER A 251 23.38 -12.08 11.04
C SER A 251 24.08 -11.59 12.29
N ASP A 252 24.78 -10.47 12.22
CA ASP A 252 25.36 -9.86 13.41
C ASP A 252 24.56 -8.67 13.93
N ALA A 253 23.96 -7.88 13.04
CA ALA A 253 23.19 -6.72 13.45
C ALA A 253 21.72 -7.02 13.70
N ILE A 254 21.32 -8.29 13.64
CA ILE A 254 20.00 -8.71 14.10
C ILE A 254 20.10 -9.22 15.54
N GLN A 255 21.28 -9.68 15.95
CA GLN A 255 21.54 -10.15 17.31
C GLN A 255 21.44 -9.06 18.38
N TYR A 256 21.25 -7.80 18.01
CA TYR A 256 20.99 -6.73 18.95
C TYR A 256 19.52 -6.35 19.01
N THR A 257 18.70 -6.97 18.16
CA THR A 257 17.24 -6.87 18.23
C THR A 257 16.62 -8.09 18.90
N LEU A 258 17.28 -9.25 18.79
CA LEU A 258 16.89 -10.43 19.54
C LEU A 258 17.01 -10.21 21.03
N LYS A 259 18.17 -9.71 21.49
CA LYS A 259 18.40 -9.52 22.91
C LYS A 259 17.55 -8.39 23.47
N LEU A 260 17.27 -7.36 22.67
CA LEU A 260 16.37 -6.30 23.10
C LEU A 260 14.91 -6.73 23.01
N GLY A 261 14.62 -7.84 22.32
CA GLY A 261 13.29 -8.41 22.33
C GLY A 261 13.04 -9.40 23.43
N TYR A 262 14.08 -9.83 24.14
CA TYR A 262 13.87 -10.65 25.34
C TYR A 262 13.29 -9.83 26.47
N LYS A 263 13.69 -8.56 26.59
CA LYS A 263 13.23 -7.69 27.66
C LYS A 263 12.04 -6.85 27.25
N ALA A 264 11.37 -7.21 26.16
CA ALA A 264 10.01 -6.75 25.89
C ALA A 264 8.99 -7.85 26.14
N GLY A 265 9.45 -8.99 26.67
CA GLY A 265 8.56 -10.04 27.13
C GLY A 265 8.53 -10.05 28.64
N MET A 266 9.66 -9.73 29.27
CA MET A 266 9.70 -9.56 30.71
C MET A 266 8.95 -8.32 31.17
N ALA A 267 9.00 -7.23 30.40
CA ALA A 267 8.25 -6.01 30.67
C ALA A 267 6.77 -6.13 30.32
N LYS A 268 6.31 -7.30 29.88
CA LYS A 268 4.91 -7.63 29.72
C LYS A 268 4.42 -8.63 30.74
N GLY A 269 5.30 -9.52 31.21
CA GLY A 269 4.94 -10.40 32.31
C GLY A 269 4.90 -9.68 33.64
N LEU A 270 5.69 -8.63 33.80
CA LEU A 270 5.61 -7.78 34.98
C LEU A 270 4.60 -6.67 34.83
N GLY A 271 4.02 -6.50 33.65
CA GLY A 271 3.03 -5.47 33.44
C GLY A 271 1.62 -6.00 33.55
N LEU A 272 1.46 -7.29 33.37
CA LEU A 272 0.18 -7.95 33.58
C LEU A 272 0.09 -8.65 34.93
N GLY A 273 1.21 -8.98 35.54
CA GLY A 273 1.19 -9.54 36.88
C GLY A 273 0.93 -8.47 37.91
N CYS A 274 1.49 -7.29 37.69
CA CYS A 274 1.33 -6.16 38.60
C CYS A 274 0.16 -5.27 38.23
N THR A 275 -0.71 -5.72 37.34
CA THR A 275 -1.99 -5.07 37.08
C THR A 275 -3.15 -5.95 37.53
N TYR A 276 -2.99 -7.27 37.40
CA TYR A 276 -3.89 -8.22 38.04
C TYR A 276 -3.55 -8.47 39.49
N GLY A 277 -2.47 -7.87 40.00
CA GLY A 277 -2.10 -8.02 41.38
C GLY A 277 -2.53 -6.84 42.23
N ILE A 278 -2.98 -5.78 41.57
CA ILE A 278 -3.55 -4.64 42.29
C ILE A 278 -5.07 -4.70 42.27
N ALA A 279 -5.66 -5.19 41.18
CA ALA A 279 -7.11 -5.38 41.13
C ALA A 279 -7.55 -6.47 42.10
N CYS A 280 -6.76 -7.53 42.26
CA CYS A 280 -7.07 -8.56 43.25
C CYS A 280 -6.85 -8.10 44.68
N MET A 281 -5.95 -7.15 44.91
CA MET A 281 -5.81 -6.51 46.22
C MET A 281 -6.77 -5.34 46.40
N SER A 282 -7.74 -5.20 45.48
CA SER A 282 -8.78 -4.19 45.59
C SER A 282 -10.19 -4.79 45.67
N TRP A 283 -10.37 -6.08 45.34
CA TRP A 283 -11.58 -6.77 45.76
C TRP A 283 -11.49 -7.18 47.22
N ALA A 284 -10.28 -7.19 47.77
CA ALA A 284 -10.12 -7.41 49.20
C ALA A 284 -10.39 -6.14 50.00
N LEU A 285 -10.48 -5.00 49.33
CA LEU A 285 -10.76 -3.75 50.03
C LEU A 285 -12.25 -3.45 50.03
N VAL A 286 -12.93 -3.65 48.90
CA VAL A 286 -14.36 -3.37 48.81
C VAL A 286 -15.21 -4.46 49.47
N PHE A 287 -14.72 -5.69 49.57
CA PHE A 287 -15.47 -6.74 50.26
C PHE A 287 -15.13 -6.87 51.73
N TRP A 288 -14.23 -6.03 52.25
CA TRP A 288 -14.06 -5.99 53.70
C TRP A 288 -14.95 -4.93 54.32
N TYR A 289 -15.05 -3.76 53.68
CA TYR A 289 -15.91 -2.71 54.22
C TYR A 289 -17.38 -2.97 53.92
N ALA A 290 -17.69 -3.83 52.96
CA ALA A 290 -19.06 -4.29 52.83
C ALA A 290 -19.43 -5.21 53.97
N GLY A 291 -18.47 -5.97 54.50
CA GLY A 291 -18.67 -6.82 55.65
C GLY A 291 -18.69 -6.09 56.98
N VAL A 292 -18.36 -4.80 56.99
CA VAL A 292 -18.48 -3.97 58.18
C VAL A 292 -19.76 -3.14 58.16
N PHE A 293 -20.17 -2.70 56.98
CA PHE A 293 -21.35 -1.86 56.86
C PHE A 293 -22.65 -2.66 56.95
N ILE A 294 -22.59 -3.98 56.80
CA ILE A 294 -23.78 -4.81 56.99
C ILE A 294 -24.00 -5.10 58.47
N ARG A 295 -22.91 -5.38 59.21
CA ARG A 295 -23.01 -5.61 60.65
C ARG A 295 -23.43 -4.37 61.43
N ASN A 296 -23.28 -3.18 60.86
CA ASN A 296 -23.75 -1.97 61.52
C ASN A 296 -25.22 -1.69 61.23
N GLY A 297 -25.86 -2.48 60.39
CA GLY A 297 -27.27 -2.30 60.09
C GLY A 297 -27.53 -1.19 59.09
N GLN A 298 -26.72 -1.11 58.05
CA GLN A 298 -26.82 -0.02 57.08
C GLN A 298 -27.17 -0.49 55.68
N THR A 299 -26.77 -1.69 55.28
CA THR A 299 -27.05 -2.26 53.97
C THR A 299 -27.39 -3.74 54.13
N ASP A 300 -27.38 -4.44 53.00
CA ASP A 300 -27.57 -5.88 52.96
C ASP A 300 -26.76 -6.44 51.79
N GLY A 301 -27.05 -7.67 51.39
CA GLY A 301 -26.27 -8.31 50.36
C GLY A 301 -26.70 -8.04 48.94
N GLY A 302 -27.68 -7.16 48.73
CA GLY A 302 -28.13 -6.87 47.38
C GLY A 302 -27.99 -5.41 47.03
N LYS A 303 -27.91 -4.55 48.05
CA LYS A 303 -27.58 -3.15 47.86
C LYS A 303 -26.08 -2.93 47.81
N ALA A 304 -25.29 -3.91 48.24
CA ALA A 304 -23.83 -3.84 48.18
C ALA A 304 -23.27 -4.54 46.96
N PHE A 305 -23.90 -5.60 46.49
CA PHE A 305 -23.56 -6.18 45.20
C PHE A 305 -23.86 -5.20 44.07
N THR A 306 -24.95 -4.44 44.20
CA THR A 306 -25.31 -3.42 43.22
C THR A 306 -24.30 -2.28 43.22
N ALA A 307 -23.98 -1.74 44.41
CA ALA A 307 -23.17 -0.53 44.51
C ALA A 307 -21.74 -0.75 44.07
N ILE A 308 -21.20 -1.95 44.30
CA ILE A 308 -19.82 -2.23 43.92
C ILE A 308 -19.69 -2.43 42.42
N PHE A 309 -20.59 -3.22 41.83
CA PHE A 309 -20.42 -3.58 40.43
C PHE A 309 -20.94 -2.51 39.47
N SER A 310 -21.87 -1.66 39.91
CA SER A 310 -22.34 -0.60 39.04
C SER A 310 -21.33 0.54 38.88
N ALA A 311 -20.48 0.76 39.88
CA ALA A 311 -19.52 1.85 39.86
C ALA A 311 -18.15 1.42 39.33
N ILE A 312 -17.94 0.12 39.13
CA ILE A 312 -16.71 -0.38 38.53
C ILE A 312 -16.85 -0.54 37.03
N VAL A 313 -17.94 -1.15 36.56
CA VAL A 313 -18.14 -1.27 35.12
C VAL A 313 -18.65 0.03 34.52
N GLY A 314 -19.08 0.98 35.37
CA GLY A 314 -19.41 2.30 34.87
C GLY A 314 -18.18 3.16 34.68
N GLY A 315 -17.24 3.08 35.62
CA GLY A 315 -16.02 3.88 35.51
C GLY A 315 -15.02 3.28 34.53
N MET A 316 -15.14 1.99 34.24
CA MET A 316 -14.28 1.36 33.25
C MET A 316 -14.75 1.66 31.84
N SER A 317 -15.98 2.14 31.69
CA SER A 317 -16.55 2.44 30.38
C SER A 317 -16.22 3.84 29.88
N LEU A 318 -15.19 4.48 30.42
CA LEU A 318 -14.66 5.71 29.82
C LEU A 318 -13.44 5.47 28.95
N GLY A 319 -12.81 4.29 29.07
CA GLY A 319 -11.75 3.92 28.15
C GLY A 319 -12.24 3.56 26.77
N GLN A 320 -13.54 3.30 26.62
CA GLN A 320 -14.12 2.99 25.33
C GLN A 320 -14.80 4.18 24.67
N SER A 321 -15.26 5.16 25.46
CA SER A 321 -15.75 6.40 24.86
C SER A 321 -14.61 7.24 24.30
N PHE A 322 -13.49 7.29 25.01
CA PHE A 322 -12.34 8.08 24.59
C PHE A 322 -11.41 7.32 23.66
N SER A 323 -11.70 6.05 23.38
CA SER A 323 -10.99 5.32 22.34
C SER A 323 -11.37 5.82 20.94
N ASN A 324 -12.50 6.49 20.82
CA ASN A 324 -13.03 6.96 19.55
C ASN A 324 -12.52 8.34 19.18
N LEU A 325 -11.70 8.96 20.02
CA LEU A 325 -11.19 10.30 19.74
C LEU A 325 -10.00 10.29 18.80
N GLY A 326 -9.51 9.11 18.41
CA GLY A 326 -8.44 9.02 17.44
C GLY A 326 -8.97 9.13 16.03
N ALA A 327 -10.09 8.43 15.77
CA ALA A 327 -10.76 8.55 14.48
C ALA A 327 -11.47 9.88 14.32
N PHE A 328 -11.76 10.58 15.42
CA PHE A 328 -12.36 11.90 15.34
C PHE A 328 -11.35 12.98 14.99
N SER A 329 -10.05 12.67 15.07
CA SER A 329 -9.01 13.62 14.68
C SER A 329 -8.46 13.35 13.29
N LYS A 330 -8.69 12.14 12.75
CA LYS A 330 -8.42 11.92 11.34
C LYS A 330 -9.54 12.45 10.47
N GLY A 331 -10.76 12.51 11.01
CA GLY A 331 -11.88 12.97 10.21
C GLY A 331 -12.03 14.47 10.20
N LYS A 332 -11.20 15.17 10.98
CA LYS A 332 -11.20 16.62 10.91
C LYS A 332 -10.05 17.14 10.06
N ALA A 333 -8.96 16.38 9.99
CA ALA A 333 -7.85 16.74 9.10
C ALA A 333 -8.21 16.44 7.65
N ALA A 334 -8.78 15.26 7.40
CA ALA A 334 -9.14 14.87 6.04
C ALA A 334 -10.31 15.70 5.51
N GLY A 335 -11.28 16.00 6.37
CA GLY A 335 -12.44 16.76 5.95
C GLY A 335 -12.21 18.21 5.67
N TYR A 336 -11.05 18.77 6.06
CA TYR A 336 -10.74 20.15 5.69
C TYR A 336 -10.13 20.23 4.30
N LYS A 337 -9.34 19.22 3.92
CA LYS A 337 -8.75 19.18 2.59
C LYS A 337 -9.82 19.05 1.50
N LEU A 338 -10.93 18.38 1.80
CA LEU A 338 -12.02 18.30 0.84
C LEU A 338 -12.80 19.60 0.79
N MET A 339 -13.02 20.24 1.95
CA MET A 339 -13.83 21.44 2.04
C MET A 339 -13.06 22.71 1.72
N GLU A 340 -11.84 22.61 1.20
CA GLU A 340 -11.16 23.77 0.67
C GLU A 340 -11.05 23.74 -0.85
N ILE A 341 -11.61 22.72 -1.51
CA ILE A 341 -11.71 22.69 -2.95
C ILE A 341 -13.17 22.84 -3.39
N ILE A 342 -14.11 22.43 -2.55
CA ILE A 342 -15.54 22.53 -2.86
C ILE A 342 -15.97 24.00 -2.96
N ASN A 343 -15.40 24.86 -2.14
CA ASN A 343 -15.73 26.28 -2.17
C ASN A 343 -14.56 27.13 -2.67
N GLN A 344 -13.79 26.61 -3.62
CA GLN A 344 -12.68 27.32 -4.23
C GLN A 344 -13.17 27.98 -5.51
N ARG A 345 -12.78 29.22 -5.74
CA ARG A 345 -13.26 29.98 -6.89
C ARG A 345 -12.28 29.88 -8.05
N PRO A 346 -12.68 29.34 -9.20
CA PRO A 346 -11.79 29.35 -10.38
C PRO A 346 -11.83 30.70 -11.09
N THR A 347 -11.11 30.76 -12.21
CA THR A 347 -10.96 32.00 -12.95
C THR A 347 -11.66 31.94 -14.32
N ILE A 348 -11.32 30.94 -15.13
CA ILE A 348 -11.84 30.83 -16.49
C ILE A 348 -13.18 30.11 -16.40
N ILE A 349 -14.27 30.88 -16.30
CA ILE A 349 -15.58 30.34 -15.97
C ILE A 349 -16.55 30.64 -17.10
N GLN A 350 -17.73 30.01 -17.01
CA GLN A 350 -18.81 30.21 -17.95
C GLN A 350 -19.80 31.24 -17.42
N ASP A 351 -20.11 32.24 -18.24
CA ASP A 351 -21.21 33.16 -17.96
C ASP A 351 -22.33 32.90 -18.95
N PRO A 352 -23.47 32.32 -18.52
CA PRO A 352 -24.55 32.02 -19.46
C PRO A 352 -25.26 33.25 -20.03
N LEU A 353 -25.14 34.41 -19.39
CA LEU A 353 -25.72 35.65 -19.88
C LEU A 353 -24.70 36.68 -20.28
N ASP A 354 -23.55 36.73 -19.58
CA ASP A 354 -22.48 37.66 -19.92
C ASP A 354 -21.47 36.98 -20.84
N GLY A 355 -21.97 36.53 -21.99
CA GLY A 355 -21.13 35.88 -22.98
C GLY A 355 -21.89 35.74 -24.28
N LYS A 356 -21.23 36.12 -25.37
CA LYS A 356 -21.85 36.16 -26.69
C LYS A 356 -21.88 34.77 -27.30
N CYS A 357 -22.49 34.69 -28.49
CA CYS A 357 -22.60 33.43 -29.21
C CYS A 357 -22.73 33.77 -30.69
N LEU A 358 -21.68 33.53 -31.47
CA LEU A 358 -21.63 33.93 -32.86
C LEU A 358 -22.33 32.90 -33.74
N ASP A 359 -22.25 33.09 -35.05
CA ASP A 359 -22.82 32.17 -36.01
C ASP A 359 -22.06 32.28 -37.33
N GLN A 360 -22.01 31.16 -38.06
CA GLN A 360 -21.29 31.00 -39.33
C GLN A 360 -19.80 31.34 -39.15
N VAL A 361 -19.15 30.51 -38.34
CA VAL A 361 -17.74 30.70 -38.07
C VAL A 361 -16.91 30.27 -39.28
N HIS A 362 -15.66 30.73 -39.32
CA HIS A 362 -14.76 30.43 -40.41
C HIS A 362 -13.38 29.97 -39.96
N GLY A 363 -13.02 30.16 -38.70
CA GLY A 363 -11.74 29.68 -38.21
C GLY A 363 -10.57 30.56 -38.58
N ASN A 364 -10.57 31.80 -38.11
CA ASN A 364 -9.45 32.73 -38.30
C ASN A 364 -8.86 33.03 -36.94
N ILE A 365 -7.93 32.18 -36.51
CA ILE A 365 -7.26 32.34 -35.22
C ILE A 365 -6.02 33.20 -35.43
N GLU A 366 -5.80 34.15 -34.52
CA GLU A 366 -4.69 35.09 -34.64
C GLU A 366 -4.27 35.53 -33.24
N PHE A 367 -3.03 35.21 -32.85
CA PHE A 367 -2.50 35.68 -31.59
C PHE A 367 -1.86 37.04 -31.77
N LYS A 368 -2.56 38.10 -31.37
CA LYS A 368 -2.09 39.47 -31.58
C LYS A 368 -1.41 39.96 -30.30
N ASP A 369 -0.07 39.96 -30.32
CA ASP A 369 0.79 40.47 -29.25
C ASP A 369 0.51 39.78 -27.92
N VAL A 370 0.76 38.48 -27.90
CA VAL A 370 0.46 37.63 -26.76
C VAL A 370 1.77 37.29 -26.04
N THR A 371 1.85 37.61 -24.76
CA THR A 371 2.92 37.16 -23.89
C THR A 371 2.33 36.30 -22.79
N PHE A 372 3.07 35.28 -22.38
CA PHE A 372 2.52 34.26 -21.51
C PHE A 372 3.64 33.43 -20.89
N SER A 373 3.42 33.04 -19.63
CA SER A 373 4.29 32.13 -18.91
C SER A 373 3.43 31.23 -18.04
N TYR A 374 3.90 29.99 -17.81
CA TYR A 374 3.15 29.04 -17.01
C TYR A 374 3.06 29.49 -15.56
N PRO A 375 1.88 29.38 -14.91
CA PRO A 375 1.76 29.85 -13.52
C PRO A 375 2.40 28.94 -12.49
N SER A 376 3.07 27.86 -12.89
CA SER A 376 3.82 27.07 -11.93
C SER A 376 5.07 27.80 -11.46
N ARG A 377 5.78 28.44 -12.38
CA ARG A 377 6.94 29.26 -12.06
C ARG A 377 7.09 30.37 -13.11
N PRO A 378 6.85 31.62 -12.72
CA PRO A 378 6.87 32.73 -13.69
C PRO A 378 8.25 33.20 -14.11
N ASP A 379 9.31 32.45 -13.84
CA ASP A 379 10.67 32.91 -14.13
C ASP A 379 10.96 32.85 -15.62
N VAL A 380 10.57 31.74 -16.26
CA VAL A 380 10.77 31.62 -17.71
C VAL A 380 9.72 32.43 -18.46
N MET A 381 9.95 32.60 -19.76
CA MET A 381 9.11 33.42 -20.62
C MET A 381 9.00 32.72 -21.97
N ILE A 382 7.93 31.94 -22.16
CA ILE A 382 7.86 31.03 -23.29
C ILE A 382 7.45 31.76 -24.57
N PHE A 383 6.60 32.77 -24.44
CA PHE A 383 5.92 33.40 -25.58
C PHE A 383 6.16 34.90 -25.62
N ARG A 384 7.42 35.32 -25.59
CA ARG A 384 7.77 36.74 -25.60
C ARG A 384 7.43 37.36 -26.95
N ASN A 385 6.33 38.13 -26.97
CA ASN A 385 5.79 38.84 -28.14
C ASN A 385 5.49 37.88 -29.29
N PHE A 386 4.56 36.97 -29.04
CA PHE A 386 4.20 35.93 -29.98
C PHE A 386 3.17 36.46 -30.98
N ASN A 387 3.34 36.08 -32.25
CA ASN A 387 2.51 36.61 -33.33
C ASN A 387 2.37 35.56 -34.42
N ILE A 388 1.14 35.11 -34.68
CA ILE A 388 0.83 34.15 -35.74
C ILE A 388 -0.48 34.57 -36.40
N PHE A 389 -0.89 33.79 -37.39
CA PHE A 389 -2.19 33.94 -38.05
C PHE A 389 -2.56 32.62 -38.70
N PHE A 390 -3.77 32.15 -38.43
CA PHE A 390 -4.26 30.88 -38.95
C PHE A 390 -5.35 31.14 -39.98
N PRO A 391 -5.14 30.80 -41.25
CA PRO A 391 -6.13 31.10 -42.28
C PRO A 391 -7.33 30.17 -42.21
N SER A 392 -8.35 30.53 -42.99
CA SER A 392 -9.59 29.76 -43.05
C SER A 392 -9.52 28.72 -44.16
N GLY A 393 -9.94 27.50 -43.84
CA GLY A 393 -9.96 26.41 -44.79
C GLY A 393 -8.61 25.87 -45.20
N LYS A 394 -7.54 26.25 -44.51
CA LYS A 394 -6.20 25.85 -44.87
C LYS A 394 -5.58 25.02 -43.75
N THR A 395 -4.38 24.52 -44.02
CA THR A 395 -3.60 23.77 -43.05
C THR A 395 -2.35 24.59 -42.73
N VAL A 396 -1.88 24.52 -41.50
CA VAL A 396 -0.60 25.11 -41.12
C VAL A 396 0.21 24.06 -40.36
N ALA A 397 1.39 24.47 -39.91
CA ALA A 397 2.26 23.60 -39.12
C ALA A 397 3.13 24.45 -38.23
N VAL A 398 3.12 24.12 -36.94
CA VAL A 398 3.95 24.79 -35.93
C VAL A 398 4.95 23.75 -35.44
N VAL A 399 6.23 23.96 -35.75
CA VAL A 399 7.25 22.95 -35.54
C VAL A 399 8.49 23.60 -34.92
N GLY A 400 9.14 22.87 -34.02
CA GLY A 400 10.41 23.26 -33.44
C GLY A 400 11.34 22.07 -33.34
N GLY A 401 12.45 22.22 -32.62
CA GLY A 401 13.40 21.12 -32.47
C GLY A 401 13.78 20.86 -31.03
N SER A 402 13.22 21.64 -30.11
CA SER A 402 13.52 21.53 -28.69
C SER A 402 12.26 21.94 -27.93
N GLY A 403 12.42 22.24 -26.64
CA GLY A 403 11.32 22.73 -25.85
C GLY A 403 10.97 24.18 -26.14
N SER A 404 10.45 24.44 -27.35
CA SER A 404 10.18 25.79 -27.79
C SER A 404 8.78 26.26 -27.42
N GLY A 405 7.94 25.37 -26.90
CA GLY A 405 6.58 25.71 -26.57
C GLY A 405 5.67 25.72 -27.79
N LYS A 406 5.65 24.64 -28.54
CA LYS A 406 4.74 24.52 -29.67
C LYS A 406 3.48 23.75 -29.33
N SER A 407 3.53 22.84 -28.37
CA SER A 407 2.33 22.20 -27.83
C SER A 407 1.56 23.13 -26.90
N THR A 408 2.16 24.24 -26.49
CA THR A 408 1.49 25.26 -25.70
C THR A 408 0.42 26.00 -26.50
N VAL A 409 0.58 26.06 -27.83
CA VAL A 409 -0.37 26.78 -28.69
C VAL A 409 -1.72 26.08 -28.71
N VAL A 410 -1.73 24.76 -28.85
CA VAL A 410 -2.99 24.02 -28.78
C VAL A 410 -3.49 23.87 -27.36
N SER A 411 -2.64 24.14 -26.37
CA SER A 411 -3.04 24.19 -24.97
C SER A 411 -3.48 25.58 -24.54
N LEU A 412 -3.68 26.49 -25.49
CA LEU A 412 -4.07 27.86 -25.19
C LEU A 412 -5.27 28.33 -26.01
N ILE A 413 -5.53 27.74 -27.17
CA ILE A 413 -6.75 28.02 -27.90
C ILE A 413 -7.96 27.45 -27.18
N GLU A 414 -7.78 26.36 -26.43
CA GLU A 414 -8.82 25.73 -25.63
C GLU A 414 -9.25 26.55 -24.42
N ARG A 415 -8.55 27.65 -24.12
CA ARG A 415 -8.64 28.39 -22.85
C ARG A 415 -8.43 27.46 -21.66
N PHE A 416 -7.34 26.70 -21.72
CA PHE A 416 -6.88 26.00 -20.52
C PHE A 416 -6.11 26.94 -19.61
N TYR A 417 -5.52 27.98 -20.19
CA TYR A 417 -4.81 29.01 -19.45
C TYR A 417 -5.33 30.37 -19.87
N ASP A 418 -4.72 31.45 -19.36
CA ASP A 418 -5.04 32.79 -19.81
C ASP A 418 -3.78 33.51 -20.24
N PRO A 419 -3.80 34.19 -21.37
CA PRO A 419 -2.68 35.10 -21.71
C PRO A 419 -2.72 36.32 -20.80
N ASN A 420 -1.72 36.42 -19.92
CA ASN A 420 -1.71 37.47 -18.90
C ASN A 420 -1.39 38.85 -19.44
N SER A 421 -0.98 38.95 -20.72
CA SER A 421 -0.87 40.24 -21.39
C SER A 421 -1.04 39.96 -22.89
N GLY A 422 -2.20 40.33 -23.42
CA GLY A 422 -2.50 40.08 -24.81
C GLY A 422 -3.96 39.76 -25.00
N GLN A 423 -4.31 39.42 -26.24
CA GLN A 423 -5.67 39.05 -26.58
C GLN A 423 -5.64 38.06 -27.73
N ILE A 424 -6.71 37.26 -27.85
CA ILE A 424 -6.84 36.24 -28.88
C ILE A 424 -8.16 36.48 -29.60
N LEU A 425 -8.08 36.88 -30.87
CA LEU A 425 -9.27 37.21 -31.64
C LEU A 425 -9.69 36.03 -32.50
N LEU A 426 -10.96 35.67 -32.43
CA LEU A 426 -11.56 34.65 -33.30
C LEU A 426 -12.54 35.38 -34.20
N ASP A 427 -12.19 35.50 -35.49
CA ASP A 427 -12.91 36.29 -36.50
C ASP A 427 -13.04 37.75 -36.05
N GLY A 428 -11.99 38.26 -35.41
CA GLY A 428 -12.01 39.62 -34.88
C GLY A 428 -12.83 39.78 -33.62
N VAL A 429 -13.08 38.70 -32.89
CA VAL A 429 -13.82 38.73 -31.64
C VAL A 429 -12.96 38.08 -30.57
N GLU A 430 -12.73 38.78 -29.46
CA GLU A 430 -11.92 38.25 -28.38
C GLU A 430 -12.61 37.09 -27.70
N ILE A 431 -11.85 36.02 -27.44
CA ILE A 431 -12.41 34.75 -26.98
C ILE A 431 -12.72 34.79 -25.49
N LYS A 432 -12.32 35.86 -24.81
CA LYS A 432 -12.71 36.07 -23.41
C LYS A 432 -14.12 36.62 -23.27
N THR A 433 -14.76 36.98 -24.39
CA THR A 433 -16.16 37.38 -24.40
C THR A 433 -17.07 36.24 -24.84
N LEU A 434 -16.49 35.11 -25.24
CA LEU A 434 -17.22 33.91 -25.59
C LEU A 434 -17.18 32.96 -24.40
N GLN A 435 -18.33 32.35 -24.10
CA GLN A 435 -18.43 31.43 -22.98
C GLN A 435 -17.71 30.11 -23.30
N LEU A 436 -17.45 29.33 -22.26
CA LEU A 436 -16.78 28.04 -22.44
C LEU A 436 -17.77 26.89 -22.67
N LYS A 437 -18.74 27.11 -23.55
CA LYS A 437 -19.49 26.02 -24.17
C LYS A 437 -19.74 26.25 -25.65
N PHE A 438 -19.47 27.45 -26.17
CA PHE A 438 -19.50 27.70 -27.60
C PHE A 438 -18.14 27.59 -28.25
N LEU A 439 -17.08 27.95 -27.52
CA LEU A 439 -15.71 27.80 -28.01
C LEU A 439 -15.32 26.32 -28.11
N ARG A 440 -15.55 25.57 -27.03
CA ARG A 440 -15.18 24.16 -27.00
C ARG A 440 -16.11 23.27 -27.82
N GLU A 441 -17.24 23.80 -28.30
CA GLU A 441 -18.15 23.02 -29.13
C GLU A 441 -17.70 22.97 -30.59
N GLN A 442 -16.82 23.87 -31.00
CA GLN A 442 -16.38 23.94 -32.38
C GLN A 442 -14.93 23.48 -32.59
N ILE A 443 -14.21 23.17 -31.52
CA ILE A 443 -12.80 22.79 -31.61
C ILE A 443 -12.68 21.35 -31.13
N GLY A 444 -12.00 20.52 -31.91
CA GLY A 444 -11.77 19.12 -31.56
C GLY A 444 -10.28 18.84 -31.38
N LEU A 445 -9.97 18.04 -30.38
CA LEU A 445 -8.59 17.78 -29.97
C LEU A 445 -8.24 16.31 -30.16
N VAL A 446 -7.02 16.05 -30.66
CA VAL A 446 -6.42 14.74 -30.70
C VAL A 446 -5.02 14.87 -30.12
N ASN A 447 -4.66 13.98 -29.18
CA ASN A 447 -3.42 14.15 -28.43
C ASN A 447 -2.74 12.79 -28.24
N GLN A 448 -1.77 12.76 -27.33
CA GLN A 448 -0.93 11.59 -27.13
C GLN A 448 -1.69 10.52 -26.36
N GLU A 449 -1.60 9.25 -26.86
CA GLU A 449 -2.21 8.01 -26.37
C GLU A 449 -3.66 8.12 -25.92
N PRO A 450 -4.58 8.42 -26.85
CA PRO A 450 -5.85 9.07 -26.49
C PRO A 450 -6.71 8.39 -25.44
N ALA A 451 -7.62 9.18 -24.86
CA ALA A 451 -8.36 8.78 -23.68
C ALA A 451 -9.35 7.66 -24.01
N LEU A 452 -9.15 6.51 -23.39
CA LEU A 452 -10.04 5.38 -23.54
C LEU A 452 -10.74 5.20 -22.20
N PHE A 453 -11.91 5.82 -22.06
CA PHE A 453 -12.68 5.72 -20.84
C PHE A 453 -13.30 4.33 -20.75
N ALA A 454 -13.31 3.75 -19.54
CA ALA A 454 -13.65 2.36 -19.33
C ALA A 454 -15.15 2.14 -19.49
N THR A 455 -15.60 2.17 -20.73
CA THR A 455 -16.98 1.86 -21.10
C THR A 455 -16.87 1.03 -22.37
N THR A 456 -17.97 0.83 -23.08
CA THR A 456 -17.91 0.12 -24.35
C THR A 456 -17.41 1.06 -25.45
N ILE A 457 -17.22 0.49 -26.65
CA ILE A 457 -16.61 1.26 -27.73
C ILE A 457 -17.69 1.84 -28.62
N LEU A 458 -18.93 1.88 -28.12
CA LEU A 458 -19.93 2.76 -28.68
C LEU A 458 -20.08 4.02 -27.84
N GLU A 459 -19.83 3.92 -26.54
CA GLU A 459 -19.93 5.07 -25.65
C GLU A 459 -18.74 6.00 -25.76
N ASN A 460 -17.56 5.48 -26.11
CA ASN A 460 -16.40 6.35 -26.29
C ASN A 460 -16.53 7.20 -27.53
N ILE A 461 -17.10 6.65 -28.61
CA ILE A 461 -17.30 7.42 -29.84
C ILE A 461 -18.41 8.46 -29.64
N LEU A 462 -19.35 8.19 -28.74
CA LEU A 462 -20.43 9.14 -28.50
C LEU A 462 -20.09 10.20 -27.45
N TYR A 463 -18.81 10.51 -27.23
CA TYR A 463 -18.47 11.69 -26.46
C TYR A 463 -18.29 12.93 -27.33
N GLY A 464 -17.92 12.73 -28.61
CA GLY A 464 -17.86 13.86 -29.53
C GLY A 464 -19.23 14.44 -29.84
N LYS A 465 -20.26 13.60 -29.81
CA LYS A 465 -21.64 14.00 -29.93
C LYS A 465 -22.46 12.99 -29.12
N PRO A 466 -23.38 13.43 -28.25
CA PRO A 466 -24.05 12.47 -27.35
C PRO A 466 -24.94 11.46 -28.06
N ASP A 467 -25.93 11.92 -28.82
CA ASP A 467 -26.78 10.99 -29.58
C ASP A 467 -27.43 11.80 -30.71
N ALA A 468 -27.14 11.42 -31.96
CA ALA A 468 -27.85 11.93 -33.12
C ALA A 468 -28.65 10.83 -33.81
N THR A 469 -27.98 9.76 -34.22
CA THR A 469 -28.58 8.55 -34.80
C THR A 469 -27.52 7.46 -34.76
N MET A 470 -27.82 6.31 -35.35
CA MET A 470 -26.91 5.18 -35.38
C MET A 470 -26.02 5.15 -36.62
N VAL A 471 -26.55 5.57 -37.77
CA VAL A 471 -25.80 5.46 -39.02
C VAL A 471 -24.66 6.46 -39.12
N GLU A 472 -24.70 7.57 -38.37
CA GLU A 472 -23.60 8.51 -38.39
C GLU A 472 -22.39 7.99 -37.62
N VAL A 473 -22.62 7.15 -36.61
CA VAL A 473 -21.52 6.54 -35.87
C VAL A 473 -20.74 5.58 -36.78
N GLU A 474 -21.45 4.82 -37.61
CA GLU A 474 -20.79 3.97 -38.58
C GLU A 474 -20.16 4.79 -39.71
N ALA A 475 -20.75 5.94 -40.04
CA ALA A 475 -20.17 6.81 -41.06
C ALA A 475 -18.87 7.43 -40.56
N ALA A 476 -18.81 7.80 -39.27
CA ALA A 476 -17.57 8.30 -38.69
C ALA A 476 -16.53 7.20 -38.56
N ALA A 477 -16.96 5.98 -38.27
CA ALA A 477 -16.03 4.85 -38.21
C ALA A 477 -15.60 4.38 -39.59
N SER A 478 -16.34 4.74 -40.63
CA SER A 478 -15.98 4.33 -41.99
C SER A 478 -14.78 5.11 -42.50
N ALA A 479 -14.79 6.43 -42.34
CA ALA A 479 -13.71 7.26 -42.84
C ALA A 479 -12.64 7.51 -41.77
N ALA A 480 -12.22 6.43 -41.11
CA ALA A 480 -11.10 6.51 -40.18
C ALA A 480 -10.22 5.27 -40.21
N ASN A 481 -10.44 4.37 -41.19
CA ASN A 481 -9.94 3.00 -41.19
C ASN A 481 -10.25 2.30 -39.86
N ALA A 482 -11.50 2.45 -39.44
CA ALA A 482 -11.95 2.00 -38.14
C ALA A 482 -13.13 1.06 -38.18
N HIS A 483 -13.73 0.83 -39.34
CA HIS A 483 -14.91 -0.04 -39.39
C HIS A 483 -14.53 -1.51 -39.38
N SER A 484 -13.48 -1.88 -40.12
CA SER A 484 -13.06 -3.27 -40.24
C SER A 484 -12.48 -3.82 -38.93
N PHE A 485 -11.74 -2.99 -38.19
CA PHE A 485 -11.09 -3.44 -36.97
C PHE A 485 -12.05 -3.59 -35.79
N ILE A 486 -13.31 -3.16 -35.93
CA ILE A 486 -14.32 -3.42 -34.93
C ILE A 486 -15.42 -4.32 -35.47
N THR A 487 -15.19 -4.98 -36.61
CA THR A 487 -16.00 -6.09 -37.07
C THR A 487 -15.26 -7.41 -37.01
N LEU A 488 -13.93 -7.38 -36.85
CA LEU A 488 -13.15 -8.57 -36.51
C LEU A 488 -12.97 -8.65 -35.00
N LEU A 489 -14.10 -8.50 -34.30
CA LEU A 489 -14.26 -8.57 -32.86
C LEU A 489 -15.65 -9.16 -32.63
N PRO A 490 -15.77 -10.31 -31.98
CA PRO A 490 -17.06 -11.03 -32.02
C PRO A 490 -18.13 -10.50 -31.07
N LYS A 491 -18.28 -9.18 -30.99
CA LYS A 491 -19.35 -8.54 -30.21
C LYS A 491 -19.82 -7.32 -31.00
N GLY A 492 -21.12 -7.05 -30.93
CA GLY A 492 -21.75 -6.06 -31.80
C GLY A 492 -21.62 -4.61 -31.36
N TYR A 493 -20.45 -4.01 -31.62
CA TYR A 493 -20.06 -2.65 -31.22
C TYR A 493 -20.12 -2.45 -29.72
N ASP A 494 -19.90 -3.48 -28.92
CA ASP A 494 -20.06 -3.43 -27.48
C ASP A 494 -18.91 -4.24 -26.90
N THR A 495 -17.81 -3.57 -26.58
CA THR A 495 -16.58 -4.24 -26.19
C THR A 495 -15.95 -3.48 -25.04
N GLN A 496 -15.63 -4.20 -23.95
CA GLN A 496 -14.98 -3.60 -22.80
C GLN A 496 -13.53 -3.25 -23.16
N VAL A 497 -13.25 -1.94 -23.21
CA VAL A 497 -11.90 -1.47 -23.51
C VAL A 497 -11.07 -1.28 -22.25
N GLY A 498 -11.71 -1.15 -21.09
CA GLY A 498 -10.99 -1.00 -19.85
C GLY A 498 -10.36 -2.30 -19.38
N GLU A 499 -11.15 -3.36 -19.30
CA GLU A 499 -10.67 -4.68 -18.93
C GLU A 499 -10.56 -5.54 -20.18
N ARG A 500 -9.56 -6.43 -20.19
CA ARG A 500 -9.23 -7.22 -21.37
C ARG A 500 -10.22 -8.37 -21.54
N GLY A 501 -11.43 -8.01 -21.99
CA GLY A 501 -12.42 -9.00 -22.38
C GLY A 501 -12.21 -9.47 -23.80
N VAL A 502 -12.27 -8.52 -24.73
CA VAL A 502 -11.91 -8.75 -26.13
C VAL A 502 -10.87 -7.72 -26.50
N GLN A 503 -9.69 -8.18 -26.93
CA GLN A 503 -8.49 -7.35 -26.92
C GLN A 503 -8.29 -6.68 -28.27
N LEU A 504 -8.52 -5.37 -28.30
CA LEU A 504 -7.92 -4.48 -29.30
C LEU A 504 -6.64 -3.85 -28.77
N SER A 505 -5.76 -4.71 -28.26
CA SER A 505 -4.64 -4.31 -27.41
C SER A 505 -3.37 -3.98 -28.19
N GLY A 506 -3.49 -3.59 -29.45
CA GLY A 506 -2.33 -3.23 -30.21
C GLY A 506 -1.70 -1.92 -29.74
N GLY A 507 -0.37 -1.87 -29.86
CA GLY A 507 0.32 -0.60 -29.69
C GLY A 507 -0.12 0.42 -30.72
N GLN A 508 -0.37 -0.03 -31.94
CA GLN A 508 -1.22 0.70 -32.88
C GLN A 508 -2.66 0.48 -32.44
N LYS A 509 -3.16 1.37 -31.60
CA LYS A 509 -4.60 1.47 -31.48
C LYS A 509 -5.18 2.05 -32.75
N GLN A 510 -6.46 1.82 -32.97
CA GLN A 510 -7.21 2.78 -33.77
C GLN A 510 -7.32 4.05 -32.95
N ARG A 511 -6.80 5.16 -33.50
CA ARG A 511 -6.82 6.44 -32.80
C ARG A 511 -8.25 6.94 -32.85
N ILE A 512 -9.07 6.42 -31.91
CA ILE A 512 -10.51 6.58 -31.94
C ILE A 512 -10.94 8.01 -31.60
N ALA A 513 -10.00 8.84 -31.15
CA ALA A 513 -10.17 10.29 -31.16
C ALA A 513 -10.54 10.80 -32.54
N ILE A 514 -9.96 10.23 -33.61
CA ILE A 514 -10.29 10.64 -34.97
C ILE A 514 -11.74 10.24 -35.30
N ALA A 515 -12.24 9.16 -34.68
CA ALA A 515 -13.66 8.86 -34.81
C ALA A 515 -14.52 9.81 -33.97
N ARG A 516 -14.00 10.25 -32.82
CA ARG A 516 -14.67 11.29 -32.06
C ARG A 516 -14.62 12.64 -32.78
N ALA A 517 -13.43 13.01 -33.28
CA ALA A 517 -13.23 14.30 -33.94
C ALA A 517 -13.80 14.37 -35.36
N MET A 518 -14.52 13.36 -35.83
CA MET A 518 -15.32 13.48 -37.04
C MET A 518 -16.81 13.54 -36.74
N LEU A 519 -17.28 12.78 -35.75
CA LEU A 519 -18.68 12.84 -35.34
C LEU A 519 -19.04 14.19 -34.74
N LYS A 520 -18.09 14.84 -34.05
CA LYS A 520 -18.32 16.18 -33.53
C LYS A 520 -18.46 17.20 -34.65
N ASP A 521 -17.82 16.95 -35.79
CA ASP A 521 -17.68 17.82 -36.97
C ASP A 521 -17.20 19.20 -36.56
N PRO A 522 -15.94 19.38 -36.18
CA PRO A 522 -15.47 20.70 -35.77
C PRO A 522 -15.17 21.58 -36.99
N LYS A 523 -15.04 22.88 -36.71
CA LYS A 523 -14.58 23.82 -37.72
C LYS A 523 -13.11 24.13 -37.53
N ILE A 524 -12.58 23.93 -36.33
CA ILE A 524 -11.16 24.05 -36.02
C ILE A 524 -10.71 22.72 -35.43
N LEU A 525 -9.63 22.17 -35.96
CA LEU A 525 -9.14 20.86 -35.53
C LEU A 525 -7.71 21.01 -35.04
N LEU A 526 -7.47 20.66 -33.77
CA LEU A 526 -6.15 20.77 -33.17
C LEU A 526 -5.55 19.38 -33.03
N LEU A 527 -4.76 18.97 -34.01
CA LEU A 527 -4.02 17.73 -33.91
C LEU A 527 -2.76 17.94 -33.06
N ASP A 528 -1.99 16.87 -32.87
CA ASP A 528 -0.79 16.96 -32.05
C ASP A 528 0.23 15.97 -32.62
N GLN A 529 1.28 15.68 -31.84
CA GLN A 529 2.44 14.90 -32.29
C GLN A 529 2.07 13.41 -32.33
N ALA A 530 1.23 13.06 -33.30
CA ALA A 530 0.64 11.72 -33.33
C ALA A 530 1.51 10.72 -34.09
N THR A 531 2.82 10.71 -33.79
CA THR A 531 3.72 9.62 -34.15
C THR A 531 4.48 9.27 -32.88
N SER A 532 3.86 8.45 -32.03
CA SER A 532 4.44 8.09 -30.74
C SER A 532 4.22 6.62 -30.45
N ALA A 533 4.40 5.77 -31.45
CA ALA A 533 4.16 4.34 -31.31
C ALA A 533 5.20 3.53 -32.08
N LEU A 534 6.38 4.13 -32.26
CA LEU A 534 7.49 3.59 -33.06
C LEU A 534 7.03 3.27 -34.48
N ASP A 535 6.72 4.36 -35.19
CA ASP A 535 5.94 4.32 -36.43
C ASP A 535 6.62 3.52 -37.54
N ALA A 536 5.79 2.80 -38.28
CA ALA A 536 6.23 1.88 -39.34
C ALA A 536 5.11 1.84 -40.38
N SER A 537 5.10 0.78 -41.19
CA SER A 537 4.02 0.58 -42.14
C SER A 537 2.68 0.34 -41.46
N SER A 538 2.70 -0.15 -40.21
CA SER A 538 1.46 -0.29 -39.45
C SER A 538 0.87 1.06 -39.09
N GLU A 539 1.70 2.00 -38.63
CA GLU A 539 1.22 3.33 -38.28
C GLU A 539 0.97 4.22 -39.49
N SER A 540 1.34 3.78 -40.70
CA SER A 540 1.01 4.50 -41.92
C SER A 540 -0.45 4.31 -42.33
N ILE A 541 -1.18 3.42 -41.66
CA ILE A 541 -2.60 3.22 -41.97
C ILE A 541 -3.42 4.43 -41.53
N VAL A 542 -3.21 4.89 -40.30
CA VAL A 542 -3.92 6.06 -39.80
C VAL A 542 -3.28 7.36 -40.30
N GLN A 543 -2.13 7.27 -40.97
CA GLN A 543 -1.51 8.46 -41.55
C GLN A 543 -2.36 9.02 -42.68
N GLU A 544 -2.91 8.16 -43.53
CA GLU A 544 -3.81 8.62 -44.58
C GLU A 544 -5.23 8.81 -44.09
N ALA A 545 -5.58 8.24 -42.92
CA ALA A 545 -6.85 8.57 -42.29
C ALA A 545 -6.85 10.01 -41.77
N LEU A 546 -5.71 10.47 -41.25
CA LEU A 546 -5.53 11.89 -40.96
C LEU A 546 -5.60 12.75 -42.22
N ASP A 547 -5.17 12.22 -43.36
CA ASP A 547 -5.27 12.94 -44.63
C ASP A 547 -6.69 12.93 -45.19
N ARG A 548 -7.58 12.13 -44.61
CA ARG A 548 -8.98 12.13 -45.01
C ARG A 548 -9.88 12.83 -43.99
N VAL A 549 -9.30 13.47 -42.97
CA VAL A 549 -10.07 14.28 -42.03
C VAL A 549 -9.62 15.74 -42.05
N MET A 550 -8.44 16.03 -42.60
CA MET A 550 -7.95 17.41 -42.71
C MET A 550 -8.39 18.02 -44.05
N VAL A 551 -9.70 17.99 -44.28
CA VAL A 551 -10.30 18.57 -45.48
C VAL A 551 -11.35 19.58 -45.06
N GLY A 552 -11.26 20.79 -45.61
CA GLY A 552 -12.21 21.84 -45.30
C GLY A 552 -12.17 22.38 -43.89
N ARG A 553 -11.13 22.08 -43.13
CA ARG A 553 -11.05 22.42 -41.72
C ARG A 553 -9.80 23.24 -41.47
N THR A 554 -9.91 24.28 -40.65
CA THR A 554 -8.75 25.09 -40.28
C THR A 554 -7.91 24.34 -39.27
N THR A 555 -7.08 23.42 -39.74
CA THR A 555 -6.35 22.54 -38.82
C THR A 555 -4.91 22.99 -38.63
N VAL A 556 -4.37 22.67 -37.47
CA VAL A 556 -2.96 22.87 -37.16
C VAL A 556 -2.34 21.49 -36.98
N VAL A 557 -1.02 21.43 -37.12
CA VAL A 557 -0.26 20.20 -36.89
C VAL A 557 0.93 20.57 -36.01
N VAL A 558 0.90 20.15 -34.75
CA VAL A 558 2.10 20.20 -33.92
C VAL A 558 2.89 18.94 -34.22
N ALA A 559 4.05 19.10 -34.86
CA ALA A 559 4.84 17.97 -35.35
C ALA A 559 6.12 17.85 -34.54
N HIS A 560 6.33 16.67 -33.96
CA HIS A 560 7.57 16.37 -33.24
C HIS A 560 8.73 16.07 -34.18
N ARG A 561 8.53 15.20 -35.15
CA ARG A 561 9.55 14.83 -36.11
C ARG A 561 9.14 15.26 -37.51
N LEU A 562 10.11 15.77 -38.27
CA LEU A 562 9.89 16.33 -39.61
C LEU A 562 9.64 15.29 -40.68
N CYS A 563 9.73 13.99 -40.36
CA CYS A 563 9.59 12.95 -41.39
C CYS A 563 8.16 12.78 -41.87
N THR A 564 7.17 13.28 -41.12
CA THR A 564 5.77 13.15 -41.51
C THR A 564 5.15 14.47 -41.94
N ILE A 565 5.90 15.56 -41.91
CA ILE A 565 5.38 16.90 -42.21
C ILE A 565 5.59 17.28 -43.66
N ARG A 566 6.19 16.40 -44.47
CA ARG A 566 6.74 16.79 -45.77
C ARG A 566 5.69 17.10 -46.83
N ASN A 567 4.40 16.86 -46.56
CA ASN A 567 3.33 17.31 -47.44
C ASN A 567 2.37 18.19 -46.65
N VAL A 568 2.78 19.46 -46.48
CA VAL A 568 1.99 20.50 -45.82
C VAL A 568 2.20 21.77 -46.63
N ASP A 569 1.12 22.50 -46.92
CA ASP A 569 1.19 23.65 -47.80
C ASP A 569 1.92 24.84 -47.17
N SER A 570 1.70 25.06 -45.87
CA SER A 570 2.29 26.21 -45.19
C SER A 570 2.84 25.80 -43.83
N ILE A 571 4.08 26.21 -43.54
CA ILE A 571 4.77 25.85 -42.31
C ILE A 571 5.34 27.11 -41.68
N ALA A 572 5.09 27.29 -40.39
CA ALA A 572 5.68 28.36 -39.59
C ALA A 572 6.61 27.76 -38.54
N VAL A 573 7.68 28.48 -38.21
CA VAL A 573 8.72 27.99 -37.32
C VAL A 573 8.94 29.03 -36.22
N ILE A 574 8.90 28.60 -34.97
CA ILE A 574 9.26 29.42 -33.83
C ILE A 574 10.57 28.89 -33.25
N GLN A 575 11.38 29.79 -32.70
CA GLN A 575 12.60 29.34 -32.03
C GLN A 575 12.73 29.84 -30.59
N GLN A 576 12.43 31.12 -30.34
CA GLN A 576 12.63 31.70 -29.01
C GLN A 576 11.59 32.80 -28.83
N GLY A 577 10.47 32.44 -28.20
CA GLY A 577 9.46 33.40 -27.80
C GLY A 577 8.53 33.89 -28.88
N GLN A 578 8.89 33.75 -30.16
CA GLN A 578 8.08 34.31 -31.24
C GLN A 578 8.38 33.55 -32.52
N VAL A 579 7.65 33.90 -33.58
CA VAL A 579 7.85 33.27 -34.86
C VAL A 579 9.13 33.79 -35.50
N VAL A 580 9.76 32.95 -36.32
CA VAL A 580 11.00 33.31 -37.01
C VAL A 580 10.80 33.39 -38.52
N GLU A 581 10.37 32.29 -39.13
CA GLU A 581 10.18 32.25 -40.58
C GLU A 581 8.91 31.48 -40.90
N THR A 582 8.23 31.91 -41.97
CA THR A 582 7.03 31.25 -42.45
C THR A 582 7.18 30.89 -43.93
N GLY A 583 6.09 30.46 -44.55
CA GLY A 583 6.08 30.18 -45.97
C GLY A 583 5.98 28.70 -46.29
N THR A 584 6.03 28.40 -47.58
CA THR A 584 5.94 27.04 -48.06
C THR A 584 7.29 26.32 -47.89
N HIS A 585 7.31 25.05 -48.29
CA HIS A 585 8.53 24.25 -48.13
C HIS A 585 9.39 24.29 -49.39
N GLU A 586 9.64 25.51 -49.88
CA GLU A 586 10.68 25.78 -50.86
C GLU A 586 11.67 26.83 -50.40
N GLU A 587 11.21 27.92 -49.78
CA GLU A 587 12.08 28.85 -49.10
C GLU A 587 12.41 28.41 -47.68
N LEU A 588 11.75 27.37 -47.19
CA LEU A 588 12.10 26.80 -45.88
C LEU A 588 13.40 26.01 -45.97
N ILE A 589 13.57 25.23 -47.04
CA ILE A 589 14.82 24.52 -47.25
C ILE A 589 15.92 25.46 -47.74
N ALA A 590 15.54 26.60 -48.33
CA ALA A 590 16.50 27.60 -48.77
C ALA A 590 16.99 28.41 -47.58
N LYS A 591 18.09 29.13 -47.82
CA LYS A 591 18.72 30.21 -47.03
C LYS A 591 19.28 29.76 -45.68
N SER A 592 19.08 28.49 -45.30
CA SER A 592 19.68 27.84 -44.14
C SER A 592 19.38 28.56 -42.82
N GLY A 593 18.25 29.25 -42.73
CA GLY A 593 17.95 30.04 -41.55
C GLY A 593 17.21 29.28 -40.47
N ALA A 594 17.97 28.76 -39.49
CA ALA A 594 17.46 28.08 -38.29
C ALA A 594 16.58 26.87 -38.61
N TYR A 595 16.82 26.23 -39.76
CA TYR A 595 16.06 25.04 -40.13
C TYR A 595 17.00 23.95 -40.63
N ALA A 596 18.15 24.37 -41.18
CA ALA A 596 19.14 23.41 -41.64
C ALA A 596 19.81 22.68 -40.48
N SER A 597 19.87 23.32 -39.31
CA SER A 597 20.39 22.63 -38.12
C SER A 597 19.38 21.64 -37.57
N LEU A 598 18.08 21.91 -37.77
CA LEU A 598 17.05 21.01 -37.26
C LEU A 598 16.94 19.74 -38.10
N ILE A 599 17.07 19.86 -39.43
CA ILE A 599 17.07 18.68 -40.27
C ILE A 599 18.38 17.90 -40.13
N ARG A 600 19.44 18.55 -39.65
CA ARG A 600 20.63 17.83 -39.25
C ARG A 600 20.39 17.07 -37.96
N PHE A 601 19.60 17.65 -37.04
CA PHE A 601 19.27 16.98 -35.79
C PHE A 601 18.32 15.81 -36.01
N GLN A 602 17.51 15.86 -37.07
CA GLN A 602 16.64 14.74 -37.39
C GLN A 602 17.42 13.54 -37.91
N GLU A 603 18.59 13.78 -38.51
CA GLU A 603 19.39 12.67 -39.04
C GLU A 603 20.29 12.06 -37.97
N MET A 604 20.93 12.89 -37.15
CA MET A 604 21.84 12.40 -36.12
C MET A 604 21.11 11.91 -34.87
N VAL A 605 19.79 12.16 -34.78
CA VAL A 605 18.88 11.88 -33.65
C VAL A 605 19.49 12.00 -32.25
N SER A 620 -1.34 6.47 -16.39
CA SER A 620 0.11 6.44 -16.41
C SER A 620 0.65 5.55 -15.29
N THR A 621 1.83 4.98 -15.52
CA THR A 621 2.47 4.11 -14.53
C THR A 621 3.24 4.88 -13.46
N ARG A 622 3.37 6.20 -13.62
CA ARG A 622 4.14 6.97 -12.64
C ARG A 622 3.25 7.44 -11.49
N LEU A 623 1.94 7.56 -11.74
CA LEU A 623 1.01 7.94 -10.68
C LEU A 623 0.85 6.84 -9.66
N SER A 624 0.91 5.58 -10.11
CA SER A 624 0.80 4.44 -9.20
C SER A 624 1.97 4.34 -8.23
N HIS A 625 3.16 4.77 -8.65
CA HIS A 625 4.29 4.82 -7.73
C HIS A 625 4.15 5.99 -6.77
N SER A 626 3.51 7.08 -7.20
CA SER A 626 3.31 8.23 -6.32
C SER A 626 2.25 7.95 -5.27
N LEU A 627 1.24 7.15 -5.60
CA LEU A 627 0.16 6.88 -4.66
C LEU A 627 0.52 5.83 -3.62
N SER A 628 1.28 4.81 -4.01
CA SER A 628 1.61 3.73 -3.08
C SER A 628 2.65 4.19 -2.06
N THR A 629 3.57 5.07 -2.46
CA THR A 629 4.49 5.66 -1.51
C THR A 629 3.80 6.69 -0.63
N LYS A 630 2.78 7.37 -1.15
CA LYS A 630 1.92 8.18 -0.31
C LYS A 630 1.08 7.31 0.63
N SER A 631 0.66 6.14 0.16
CA SER A 631 0.05 5.14 1.03
C SER A 631 1.05 4.47 1.96
N LEU A 632 2.33 4.50 1.63
CA LEU A 632 3.35 4.09 2.58
C LEU A 632 3.47 5.12 3.69
N SER A 633 3.87 4.63 4.88
CA SER A 633 3.90 5.35 6.15
C SER A 633 2.54 5.93 6.56
N LEU A 634 1.47 5.38 5.99
CA LEU A 634 0.10 5.69 6.40
C LEU A 634 -0.71 4.41 6.35
N ARG A 635 -0.02 3.27 6.41
CA ARG A 635 -0.69 1.97 6.34
C ARG A 635 -0.35 1.06 7.51
N SER A 636 0.45 1.52 8.47
CA SER A 636 0.67 0.75 9.69
C SER A 636 -0.24 1.22 10.82
N GLY A 637 -0.80 2.42 10.70
CA GLY A 637 -1.72 2.94 11.72
C GLY A 637 -3.16 2.85 11.23
N SER A 638 -3.38 3.11 9.94
CA SER A 638 -4.70 3.01 9.35
C SER A 638 -5.13 1.55 9.23
N LEU A 639 -6.44 1.30 9.33
CA LEU A 639 -6.96 -0.05 9.27
C LEU A 639 -6.89 -0.59 7.84
N ARG A 640 -6.84 -1.92 7.74
CA ARG A 640 -6.70 -2.58 6.45
C ARG A 640 -7.98 -2.58 5.63
N ASN A 641 -9.12 -2.24 6.24
CA ASN A 641 -10.38 -2.11 5.53
C ASN A 641 -10.74 -0.66 5.23
N LEU A 642 -9.75 0.23 5.20
CA LEU A 642 -10.00 1.65 5.03
C LEU A 642 -9.03 2.29 4.04
N SER A 643 -8.05 1.55 3.53
CA SER A 643 -7.04 2.04 2.60
C SER A 643 -7.09 1.23 1.32
N TYR A 644 -6.23 1.59 0.37
CA TYR A 644 -6.14 0.91 -0.91
C TYR A 644 -4.70 0.48 -1.20
N SER A 645 -4.53 -0.18 -2.34
CA SER A 645 -3.23 -0.47 -2.92
C SER A 645 -3.36 -0.33 -4.42
N TYR A 646 -2.48 0.44 -5.03
CA TYR A 646 -2.67 0.92 -6.39
C TYR A 646 -1.78 0.13 -7.36
N SER A 647 -2.14 0.20 -8.64
CA SER A 647 -1.40 -0.49 -9.69
C SER A 647 -1.66 0.22 -11.01
N THR A 648 -1.25 -0.42 -12.10
CA THR A 648 -1.45 0.17 -13.43
C THR A 648 -2.65 -0.44 -14.15
N GLY A 649 -2.93 -1.72 -13.89
CA GLY A 649 -4.02 -2.40 -14.58
C GLY A 649 -3.71 -2.57 -16.05
N ALA A 650 -4.77 -2.51 -16.87
CA ALA A 650 -4.62 -2.44 -18.31
C ALA A 650 -4.46 -0.98 -18.72
N ASP A 651 -4.54 -0.70 -20.02
CA ASP A 651 -4.45 0.68 -20.50
C ASP A 651 -5.82 1.32 -20.62
N GLY A 652 -6.65 1.14 -19.59
CA GLY A 652 -7.97 1.75 -19.53
C GLY A 652 -8.19 2.67 -18.35
N ARG A 653 -7.54 2.38 -17.23
CA ARG A 653 -7.81 3.09 -15.98
C ARG A 653 -6.63 2.87 -15.04
N ILE A 654 -6.67 3.52 -13.89
CA ILE A 654 -5.82 3.18 -12.74
C ILE A 654 -6.63 2.22 -11.88
N GLU A 655 -5.99 1.12 -11.47
CA GLU A 655 -6.70 0.06 -10.77
C GLU A 655 -6.49 0.22 -9.27
N MET A 656 -7.56 0.00 -8.50
CA MET A 656 -7.55 0.18 -7.06
C MET A 656 -7.98 -1.12 -6.41
N ILE A 657 -7.11 -1.71 -5.62
CA ILE A 657 -7.42 -2.91 -4.85
C ILE A 657 -7.79 -2.44 -3.45
N SER A 658 -8.87 -3.01 -2.90
CA SER A 658 -9.49 -2.51 -1.67
C SER A 658 -8.65 -2.72 -0.41
N ASN A 659 -7.52 -3.41 -0.50
CA ASN A 659 -6.52 -3.72 0.54
C ASN A 659 -7.06 -4.71 1.58
N ALA A 660 -8.34 -5.07 1.52
CA ALA A 660 -8.84 -6.27 2.19
C ALA A 660 -8.91 -7.43 1.21
N GLU A 661 -7.78 -7.70 0.55
CA GLU A 661 -7.64 -8.82 -0.35
C GLU A 661 -7.23 -10.09 0.37
N THR A 662 -7.02 -10.02 1.70
CA THR A 662 -6.58 -11.16 2.48
C THR A 662 -7.66 -12.22 2.60
N ASP A 663 -8.92 -11.82 2.46
CA ASP A 663 -10.00 -12.80 2.44
C ASP A 663 -10.04 -13.53 1.10
N ARG A 664 -9.89 -12.80 -0.01
CA ARG A 664 -9.99 -13.41 -1.33
C ARG A 664 -8.69 -14.08 -1.75
N LYS A 665 -7.58 -13.77 -1.07
CA LYS A 665 -6.33 -14.45 -1.38
C LYS A 665 -6.36 -15.89 -0.88
N THR A 666 -6.43 -16.05 0.45
CA THR A 666 -6.51 -17.34 1.15
C THR A 666 -5.38 -18.28 0.74
N ARG A 667 -4.19 -17.73 0.53
CA ARG A 667 -3.10 -18.46 -0.11
C ARG A 667 -1.92 -18.53 0.86
N ALA A 668 -1.98 -19.54 1.72
CA ALA A 668 -0.86 -20.11 2.44
C ALA A 668 -0.88 -21.61 2.14
N PRO A 669 0.22 -22.33 2.39
CA PRO A 669 0.14 -23.79 2.28
C PRO A 669 -0.79 -24.38 3.32
N GLU A 670 -1.40 -25.52 2.97
CA GLU A 670 -2.33 -26.22 3.86
C GLU A 670 -1.65 -26.79 5.09
N ASN A 671 -0.33 -26.91 5.08
CA ASN A 671 0.43 -27.43 6.21
C ASN A 671 1.40 -26.38 6.75
N TYR A 672 0.94 -25.13 6.92
CA TYR A 672 1.87 -24.08 7.29
C TYR A 672 2.12 -24.06 8.79
N PHE A 673 1.17 -24.57 9.58
CA PHE A 673 1.30 -24.51 11.03
C PHE A 673 2.27 -25.55 11.57
N TYR A 674 2.46 -26.66 10.85
CA TYR A 674 3.45 -27.64 11.27
C TYR A 674 4.85 -27.27 10.81
N ARG A 675 4.96 -26.62 9.65
CA ARG A 675 6.25 -26.19 9.15
C ARG A 675 6.85 -25.06 9.96
N LEU A 676 6.02 -24.22 10.59
CA LEU A 676 6.55 -23.20 11.49
C LEU A 676 6.84 -23.73 12.87
N LEU A 677 6.45 -24.96 13.18
CA LEU A 677 6.87 -25.62 14.42
C LEU A 677 8.13 -26.43 14.24
N LYS A 678 8.34 -27.01 13.05
CA LYS A 678 9.59 -27.71 12.76
C LYS A 678 10.77 -26.76 12.70
N LEU A 679 10.55 -25.53 12.22
CA LEU A 679 11.59 -24.52 12.26
C LEU A 679 11.81 -23.98 13.66
N ASN A 680 10.83 -24.12 14.54
CA ASN A 680 10.88 -23.56 15.88
C ASN A 680 11.03 -24.66 16.91
N SER A 681 11.84 -25.66 16.61
CA SER A 681 12.12 -26.68 17.61
C SER A 681 13.38 -26.64 18.48
N PRO A 682 14.46 -25.96 18.10
CA PRO A 682 15.51 -26.11 19.11
C PRO A 682 15.11 -25.54 20.46
N GLU A 683 14.09 -24.69 20.50
CA GLU A 683 13.60 -24.13 21.77
C GLU A 683 12.39 -24.92 22.28
N TRP A 684 12.58 -26.23 22.39
CA TRP A 684 11.62 -27.05 23.12
C TRP A 684 11.67 -26.90 24.65
N PRO A 685 12.79 -26.58 25.33
CA PRO A 685 12.66 -26.21 26.75
C PRO A 685 11.93 -24.91 27.00
N TYR A 686 11.90 -23.99 26.05
CA TYR A 686 11.25 -22.70 26.23
C TYR A 686 9.78 -22.72 25.81
N SER A 687 9.27 -23.89 25.44
CA SER A 687 7.84 -24.08 25.23
C SER A 687 7.20 -24.98 26.27
N ILE A 688 7.94 -25.92 26.86
CA ILE A 688 7.42 -26.67 28.00
C ILE A 688 7.38 -25.79 29.22
N MET A 689 8.38 -24.92 29.40
CA MET A 689 8.45 -24.05 30.57
C MET A 689 7.58 -22.80 30.42
N GLY A 690 6.84 -22.68 29.32
CA GLY A 690 5.87 -21.61 29.17
C GLY A 690 4.46 -22.16 29.12
N ALA A 691 4.35 -23.48 28.90
CA ALA A 691 3.07 -24.16 28.97
C ALA A 691 2.74 -24.65 30.36
N VAL A 692 3.64 -24.47 31.33
CA VAL A 692 3.36 -24.67 32.73
C VAL A 692 3.40 -23.26 33.32
N GLY A 693 3.12 -22.28 32.45
CA GLY A 693 2.93 -20.91 32.88
C GLY A 693 1.67 -20.35 32.28
N SER A 694 1.10 -21.08 31.32
CA SER A 694 -0.16 -20.71 30.69
C SER A 694 -1.34 -21.49 31.24
N ILE A 695 -1.09 -22.66 31.82
CA ILE A 695 -2.14 -23.39 32.52
C ILE A 695 -2.38 -22.77 33.90
N LEU A 696 -1.29 -22.42 34.61
CA LEU A 696 -1.39 -21.78 35.92
C LEU A 696 -2.03 -20.41 35.86
N SER A 697 -2.09 -19.78 34.70
CA SER A 697 -2.84 -18.54 34.53
C SER A 697 -4.32 -18.78 34.26
N GLY A 698 -4.69 -20.02 33.93
CA GLY A 698 -6.09 -20.37 33.79
C GLY A 698 -6.75 -20.80 35.07
N PHE A 699 -6.02 -20.74 36.19
CA PHE A 699 -6.56 -21.04 37.50
C PHE A 699 -6.90 -19.77 38.28
N ILE A 700 -6.61 -18.60 37.72
CA ILE A 700 -6.90 -17.35 38.39
C ILE A 700 -8.34 -16.87 38.12
N GLY A 701 -8.81 -17.03 36.89
CA GLY A 701 -10.16 -16.66 36.52
C GLY A 701 -11.26 -17.45 37.20
N PRO A 702 -11.27 -18.78 37.08
CA PRO A 702 -12.32 -19.55 37.76
C PRO A 702 -12.15 -19.68 39.26
N THR A 703 -11.14 -19.06 39.88
CA THR A 703 -11.06 -19.04 41.33
C THR A 703 -11.58 -17.71 41.87
N PHE A 704 -11.51 -16.66 41.06
CA PHE A 704 -12.16 -15.40 41.38
C PHE A 704 -13.67 -15.55 41.49
N ALA A 705 -14.26 -16.40 40.66
CA ALA A 705 -15.71 -16.56 40.62
C ALA A 705 -16.22 -17.57 41.63
N ILE A 706 -15.34 -18.20 42.40
CA ILE A 706 -15.75 -19.06 43.50
C ILE A 706 -15.68 -18.33 44.84
N VAL A 707 -14.61 -17.55 45.05
CA VAL A 707 -14.47 -16.80 46.30
C VAL A 707 -15.47 -15.64 46.34
N MET A 708 -15.76 -15.03 45.19
CA MET A 708 -16.73 -13.94 45.15
C MET A 708 -18.15 -14.46 45.29
N SER A 709 -18.42 -15.68 44.84
CA SER A 709 -19.73 -16.29 45.01
C SER A 709 -19.82 -17.12 46.28
N ASN A 710 -18.78 -17.13 47.10
CA ASN A 710 -18.88 -17.62 48.47
C ASN A 710 -19.22 -16.51 49.46
N MET A 711 -19.06 -15.25 49.07
CA MET A 711 -19.34 -14.15 49.97
C MET A 711 -20.73 -13.59 49.79
N ILE A 712 -21.39 -13.90 48.68
CA ILE A 712 -22.83 -13.66 48.56
C ILE A 712 -23.58 -14.53 49.57
N GLU A 713 -23.09 -15.76 49.79
CA GLU A 713 -23.68 -16.65 50.78
C GLU A 713 -23.49 -16.13 52.20
N VAL A 714 -22.28 -15.68 52.52
CA VAL A 714 -21.90 -15.37 53.89
C VAL A 714 -22.60 -14.08 54.36
N PHE A 715 -22.86 -13.15 53.44
CA PHE A 715 -23.49 -11.87 53.77
C PHE A 715 -24.92 -11.99 54.26
N TYR A 716 -25.56 -13.15 54.16
CA TYR A 716 -26.91 -13.35 54.67
C TYR A 716 -26.93 -14.17 55.97
N TYR A 717 -25.79 -14.27 56.65
CA TYR A 717 -25.78 -14.88 57.97
C TYR A 717 -26.45 -13.95 58.99
N THR A 718 -26.90 -14.54 60.09
CA THR A 718 -27.47 -13.80 61.21
C THR A 718 -26.63 -13.94 62.47
N ASP A 719 -25.41 -14.46 62.36
CA ASP A 719 -24.51 -14.64 63.48
C ASP A 719 -23.27 -13.80 63.21
N TYR A 720 -23.28 -12.57 63.74
CA TYR A 720 -22.34 -11.53 63.31
C TYR A 720 -20.93 -11.68 63.87
N ASP A 721 -20.62 -12.79 64.54
CA ASP A 721 -19.23 -13.11 64.86
C ASP A 721 -18.68 -14.25 64.03
N SER A 722 -19.52 -15.17 63.56
CA SER A 722 -19.09 -16.18 62.60
C SER A 722 -19.18 -15.69 61.16
N MET A 723 -19.55 -14.43 60.95
CA MET A 723 -19.40 -13.80 59.65
C MET A 723 -18.11 -13.00 59.56
N GLU A 724 -17.61 -12.48 60.68
CA GLU A 724 -16.34 -11.76 60.69
C GLU A 724 -15.16 -12.71 60.49
N ARG A 725 -15.16 -13.84 61.19
CA ARG A 725 -14.03 -14.75 61.08
C ARG A 725 -14.07 -15.63 59.83
N LYS A 726 -15.17 -15.60 59.09
CA LYS A 726 -15.22 -16.26 57.78
C LYS A 726 -15.14 -15.29 56.63
N THR A 727 -15.02 -13.98 56.90
CA THR A 727 -14.68 -13.03 55.86
C THR A 727 -13.26 -12.49 55.99
N LYS A 728 -12.57 -12.78 57.09
CA LYS A 728 -11.13 -12.57 57.12
C LYS A 728 -10.42 -13.62 56.28
N GLU A 729 -11.05 -14.79 56.13
CA GLU A 729 -10.46 -15.88 55.39
C GLU A 729 -10.86 -15.89 53.92
N TYR A 730 -11.64 -14.92 53.48
CA TYR A 730 -11.93 -14.71 52.07
C TYR A 730 -11.29 -13.43 51.55
N VAL A 731 -10.66 -12.65 52.43
CA VAL A 731 -9.82 -11.53 52.03
C VAL A 731 -8.38 -11.99 51.83
N PHE A 732 -7.91 -12.88 52.69
CA PHE A 732 -6.57 -13.44 52.60
C PHE A 732 -6.36 -14.27 51.33
N ILE A 733 -7.42 -14.88 50.79
CA ILE A 733 -7.33 -15.56 49.50
C ILE A 733 -7.16 -14.55 48.38
N TYR A 734 -7.85 -13.41 48.45
CA TYR A 734 -7.70 -12.35 47.46
C TYR A 734 -6.30 -11.75 47.45
N ILE A 735 -5.66 -11.66 48.62
CA ILE A 735 -4.30 -11.12 48.67
C ILE A 735 -3.29 -12.17 48.27
N GLY A 736 -3.43 -13.39 48.79
CA GLY A 736 -2.50 -14.47 48.47
C GLY A 736 -2.55 -14.94 47.03
N ALA A 737 -3.70 -14.78 46.37
CA ALA A 737 -3.80 -15.04 44.94
C ALA A 737 -3.73 -13.75 44.12
N GLY A 738 -3.27 -12.66 44.73
CA GLY A 738 -2.93 -11.46 44.01
C GLY A 738 -1.43 -11.37 43.90
N LEU A 739 -0.75 -12.34 44.53
CA LEU A 739 0.67 -12.56 44.35
C LEU A 739 0.94 -13.80 43.50
N TYR A 740 0.01 -14.74 43.46
CA TYR A 740 0.05 -15.85 42.51
C TYR A 740 -0.10 -15.34 41.08
N ALA A 741 -0.79 -14.23 40.87
CA ALA A 741 -0.95 -13.65 39.55
C ALA A 741 0.30 -12.92 39.06
N VAL A 742 1.18 -12.49 39.97
CA VAL A 742 2.43 -11.87 39.56
C VAL A 742 3.40 -12.92 39.02
N GLY A 743 3.46 -14.08 39.67
CA GLY A 743 4.38 -15.12 39.26
C GLY A 743 3.88 -16.05 38.19
N ALA A 744 2.61 -15.96 37.79
CA ALA A 744 2.08 -16.85 36.77
C ALA A 744 1.84 -16.17 35.44
N TYR A 745 2.06 -14.86 35.35
CA TYR A 745 2.13 -14.17 34.07
C TYR A 745 3.55 -13.81 33.68
N LEU A 746 4.49 -13.83 34.62
CA LEU A 746 5.89 -13.66 34.29
C LEU A 746 6.44 -14.90 33.62
N ILE A 747 5.93 -16.08 33.97
CA ILE A 747 6.37 -17.30 33.31
C ILE A 747 5.74 -17.43 31.92
N GLN A 748 4.50 -16.98 31.77
CA GLN A 748 3.78 -17.12 30.50
C GLN A 748 4.32 -16.17 29.44
N HIS A 749 4.88 -15.04 29.83
CA HIS A 749 5.26 -14.01 28.87
C HIS A 749 6.75 -13.75 28.74
N TYR A 750 7.58 -14.19 29.69
CA TYR A 750 9.02 -14.18 29.45
C TYR A 750 9.41 -15.35 28.56
N PHE A 751 9.05 -16.55 28.98
CA PHE A 751 8.94 -17.66 28.04
C PHE A 751 7.74 -17.40 27.12
N PHE A 752 7.72 -18.06 25.96
CA PHE A 752 6.95 -17.75 24.75
C PHE A 752 7.33 -16.43 24.10
N SER A 753 8.31 -15.69 24.63
CA SER A 753 8.99 -14.63 23.91
C SER A 753 10.43 -14.99 23.60
N ILE A 754 11.04 -15.89 24.39
CA ILE A 754 12.27 -16.53 23.96
C ILE A 754 12.00 -17.46 22.79
N MET A 755 10.84 -18.12 22.78
CA MET A 755 10.50 -19.01 21.67
C MET A 755 10.14 -18.21 20.42
N GLY A 756 9.44 -17.09 20.57
CA GLY A 756 8.99 -16.33 19.43
C GLY A 756 9.95 -15.31 18.88
N GLU A 757 11.09 -15.06 19.54
CA GLU A 757 12.10 -14.18 18.99
C GLU A 757 13.31 -14.92 18.44
N ASN A 758 13.40 -16.23 18.65
CA ASN A 758 14.34 -17.06 17.90
C ASN A 758 13.72 -17.65 16.65
N LEU A 759 12.44 -17.34 16.39
CA LEU A 759 11.82 -17.70 15.12
C LEU A 759 11.88 -16.56 14.12
N THR A 760 11.59 -15.33 14.53
CA THR A 760 11.69 -14.20 13.61
C THR A 760 13.13 -13.83 13.31
N THR A 761 14.08 -14.34 14.10
CA THR A 761 15.49 -14.21 13.72
C THR A 761 15.89 -15.31 12.76
N ARG A 762 15.36 -16.52 12.96
CA ARG A 762 15.67 -17.63 12.07
C ARG A 762 14.98 -17.49 10.72
N VAL A 763 13.78 -16.91 10.69
CA VAL A 763 13.06 -16.73 9.42
C VAL A 763 13.74 -15.67 8.55
N ARG A 764 14.14 -14.54 9.15
CA ARG A 764 14.76 -13.45 8.39
C ARG A 764 16.09 -13.87 7.78
N ARG A 765 16.84 -14.73 8.45
CA ARG A 765 18.06 -15.25 7.84
C ARG A 765 17.76 -16.25 6.73
N MET A 766 16.68 -17.02 6.85
CA MET A 766 16.26 -17.92 5.78
C MET A 766 15.57 -17.19 4.63
N MET A 767 15.18 -15.93 4.81
CA MET A 767 14.59 -15.16 3.72
C MET A 767 15.64 -14.42 2.90
N LEU A 768 16.67 -13.86 3.55
CA LEU A 768 17.71 -13.18 2.79
C LEU A 768 18.63 -14.17 2.09
N SER A 769 18.85 -15.35 2.68
CA SER A 769 19.65 -16.37 2.01
C SER A 769 18.92 -17.02 0.85
N ALA A 770 17.62 -16.78 0.69
CA ALA A 770 16.86 -17.26 -0.45
C ALA A 770 16.57 -16.18 -1.48
N ILE A 771 16.55 -14.91 -1.07
CA ILE A 771 16.47 -13.82 -2.04
C ILE A 771 17.77 -13.72 -2.82
N LEU A 772 18.91 -13.77 -2.14
CA LEU A 772 20.21 -13.71 -2.80
C LEU A 772 20.66 -15.08 -3.31
N ARG A 773 19.75 -15.78 -3.98
CA ARG A 773 20.05 -17.00 -4.71
C ARG A 773 19.30 -17.04 -6.04
N ASN A 774 18.28 -16.21 -6.21
CA ASN A 774 17.44 -16.20 -7.39
C ASN A 774 18.18 -15.58 -8.57
N GLU A 775 17.60 -15.72 -9.76
CA GLU A 775 18.12 -15.15 -10.98
C GLU A 775 18.02 -13.62 -10.94
N VAL A 776 18.75 -12.98 -11.86
CA VAL A 776 18.82 -11.52 -11.88
C VAL A 776 17.52 -10.93 -12.42
N GLY A 777 16.90 -11.59 -13.40
CA GLY A 777 15.67 -11.09 -13.99
C GLY A 777 14.47 -11.10 -13.05
N TRP A 778 14.55 -11.87 -11.96
CA TRP A 778 13.53 -11.79 -10.92
C TRP A 778 13.55 -10.43 -10.23
N PHE A 779 14.73 -9.83 -10.06
CA PHE A 779 14.83 -8.52 -9.43
C PHE A 779 14.39 -7.38 -10.33
N ASP A 780 14.30 -7.61 -11.64
CA ASP A 780 14.03 -6.54 -12.58
C ASP A 780 12.57 -6.12 -12.66
N GLU A 781 11.66 -6.88 -12.04
CA GLU A 781 10.24 -6.57 -12.15
C GLU A 781 9.87 -5.40 -11.25
N ASP A 782 8.62 -4.95 -11.40
CA ASP A 782 8.19 -3.70 -10.78
C ASP A 782 7.79 -3.86 -9.31
N GLU A 783 7.27 -5.02 -8.92
CA GLU A 783 6.91 -5.27 -7.53
C GLU A 783 8.02 -5.99 -6.77
N HIS A 784 9.19 -6.12 -7.39
CA HIS A 784 10.37 -6.67 -6.72
C HIS A 784 11.46 -5.62 -6.55
N ASN A 785 11.10 -4.34 -6.63
CA ASN A 785 12.04 -3.27 -6.37
C ASN A 785 12.42 -3.24 -4.89
N SER A 786 13.52 -2.55 -4.59
CA SER A 786 14.05 -2.58 -3.22
C SER A 786 13.37 -1.61 -2.28
N SER A 787 12.05 -1.50 -2.35
CA SER A 787 11.28 -0.83 -1.31
C SER A 787 10.08 -1.65 -0.84
N LEU A 788 9.56 -2.56 -1.65
CA LEU A 788 8.52 -3.49 -1.23
C LEU A 788 9.08 -4.85 -0.85
N ILE A 789 10.40 -5.04 -0.97
CA ILE A 789 10.99 -6.35 -0.72
C ILE A 789 11.92 -6.33 0.50
N ALA A 790 12.32 -5.16 0.97
CA ALA A 790 13.06 -5.05 2.22
C ALA A 790 12.16 -4.70 3.39
N ALA A 791 10.86 -4.50 3.15
CA ALA A 791 9.89 -4.37 4.21
C ALA A 791 9.18 -5.68 4.52
N ARG A 792 9.30 -6.67 3.62
CA ARG A 792 8.81 -8.01 3.91
C ARG A 792 9.69 -8.72 4.93
N LEU A 793 10.94 -8.30 5.07
CA LEU A 793 11.82 -8.78 6.12
C LEU A 793 11.74 -7.93 7.38
N ALA A 794 10.94 -6.87 7.38
CA ALA A 794 10.82 -5.97 8.51
C ALA A 794 9.43 -5.96 9.13
N THR A 795 8.38 -6.15 8.32
CA THR A 795 7.03 -6.22 8.84
C THR A 795 6.36 -7.56 8.61
N ASP A 796 6.58 -8.19 7.46
CA ASP A 796 5.98 -9.49 7.17
C ASP A 796 6.76 -10.64 7.79
N ALA A 797 7.97 -10.41 8.27
CA ALA A 797 8.77 -11.45 8.89
C ALA A 797 8.78 -11.38 10.41
N ALA A 798 8.25 -10.29 10.99
CA ALA A 798 8.16 -10.15 12.43
C ALA A 798 6.73 -10.29 12.94
N ASP A 799 5.81 -10.75 12.10
CA ASP A 799 4.46 -11.08 12.51
C ASP A 799 4.21 -12.59 12.42
N VAL A 800 5.29 -13.37 12.40
CA VAL A 800 5.22 -14.81 12.54
C VAL A 800 5.24 -15.17 14.03
N LYS A 801 5.58 -14.22 14.90
CA LYS A 801 5.57 -14.47 16.33
C LYS A 801 4.15 -14.52 16.87
N SER A 802 3.27 -13.64 16.38
CA SER A 802 1.87 -13.61 16.79
C SER A 802 1.00 -14.54 15.95
N ALA A 803 1.60 -15.50 15.26
CA ALA A 803 0.86 -16.53 14.55
C ALA A 803 1.14 -17.93 15.05
N ILE A 804 2.24 -18.16 15.78
CA ILE A 804 2.54 -19.49 16.29
C ILE A 804 3.06 -19.46 17.72
N ALA A 805 3.09 -18.31 18.38
CA ALA A 805 3.46 -18.26 19.78
C ALA A 805 2.45 -17.50 20.64
N GLU A 806 1.79 -16.50 20.07
CA GLU A 806 0.74 -15.77 20.77
C GLU A 806 -0.64 -16.30 20.44
N ARG A 807 -0.73 -17.38 19.67
CA ARG A 807 -1.98 -18.09 19.43
C ARG A 807 -1.90 -19.52 19.92
N ILE A 808 -0.92 -19.81 20.78
CA ILE A 808 -0.94 -21.00 21.62
C ILE A 808 -1.11 -20.65 23.10
N SER A 809 -0.59 -19.50 23.54
CA SER A 809 -0.71 -19.08 24.93
C SER A 809 -2.16 -18.73 25.28
N VAL A 810 -2.93 -18.22 24.33
CA VAL A 810 -4.31 -17.84 24.59
C VAL A 810 -5.24 -18.99 24.23
N ILE A 811 -4.68 -20.17 24.00
CA ILE A 811 -5.45 -21.38 23.77
C ILE A 811 -5.26 -22.38 24.91
N LEU A 812 -4.04 -22.50 25.43
CA LEU A 812 -3.83 -23.32 26.61
C LEU A 812 -4.38 -22.65 27.85
N GLN A 813 -4.43 -21.32 27.86
CA GLN A 813 -5.03 -20.61 28.99
C GLN A 813 -6.55 -20.70 28.96
N ASN A 814 -7.16 -20.40 27.81
CA ASN A 814 -8.61 -20.34 27.74
C ASN A 814 -9.27 -21.71 27.66
N MET A 815 -8.51 -22.79 27.45
CA MET A 815 -9.10 -24.12 27.48
C MET A 815 -8.76 -24.89 28.75
N THR A 816 -8.02 -24.29 29.68
CA THR A 816 -7.94 -24.82 31.03
C THR A 816 -8.77 -24.00 32.01
N SER A 817 -9.31 -22.87 31.56
CA SER A 817 -10.35 -22.15 32.27
C SER A 817 -11.75 -22.65 31.94
N LEU A 818 -11.97 -23.04 30.68
CA LEU A 818 -13.21 -23.71 30.30
C LEU A 818 -13.33 -25.08 30.94
N LEU A 819 -12.20 -25.76 31.11
CA LEU A 819 -12.22 -27.14 31.56
C LEU A 819 -12.24 -27.27 33.07
N THR A 820 -11.66 -26.32 33.80
CA THR A 820 -11.68 -26.42 35.26
C THR A 820 -12.96 -25.86 35.86
N SER A 821 -13.82 -25.25 35.05
CA SER A 821 -15.09 -24.71 35.51
C SER A 821 -16.29 -25.54 35.06
N PHE A 822 -16.07 -26.58 34.27
CA PHE A 822 -17.06 -27.63 34.04
C PHE A 822 -16.74 -28.91 34.79
N ILE A 823 -15.76 -28.89 35.68
CA ILE A 823 -15.52 -29.97 36.61
C ILE A 823 -15.93 -29.59 38.02
N VAL A 824 -15.64 -28.35 38.43
CA VAL A 824 -16.11 -27.83 39.71
C VAL A 824 -17.63 -27.69 39.71
N ALA A 825 -18.20 -27.25 38.58
CA ALA A 825 -19.62 -26.95 38.55
C ALA A 825 -20.49 -28.18 38.34
N PHE A 826 -19.90 -29.35 38.08
CA PHE A 826 -20.65 -30.60 38.10
C PHE A 826 -20.41 -31.41 39.37
N ILE A 827 -19.68 -30.86 40.34
CA ILE A 827 -19.52 -31.50 41.63
C ILE A 827 -20.45 -30.78 42.61
N VAL A 828 -20.56 -29.46 42.45
CA VAL A 828 -21.45 -28.67 43.30
C VAL A 828 -22.91 -29.04 43.04
N GLU A 829 -23.38 -28.87 41.81
CA GLU A 829 -24.74 -29.25 41.45
C GLU A 829 -24.80 -29.56 39.96
N TRP A 830 -25.38 -30.71 39.62
CA TRP A 830 -25.40 -31.17 38.24
C TRP A 830 -26.76 -31.03 37.57
N ARG A 831 -27.79 -30.58 38.29
CA ARG A 831 -29.09 -30.43 37.66
C ARG A 831 -29.27 -29.05 37.05
N VAL A 832 -28.70 -28.02 37.67
CA VAL A 832 -28.74 -26.69 37.09
C VAL A 832 -27.67 -26.55 36.02
N SER A 833 -26.50 -27.13 36.26
CA SER A 833 -25.39 -27.00 35.32
C SER A 833 -25.52 -27.91 34.11
N LEU A 834 -26.51 -28.79 34.07
CA LEU A 834 -26.86 -29.48 32.84
C LEU A 834 -27.85 -28.68 32.02
N LEU A 835 -28.60 -27.77 32.66
CA LEU A 835 -29.41 -26.82 31.93
C LEU A 835 -28.56 -25.72 31.31
N ILE A 836 -27.52 -25.27 32.03
CA ILE A 836 -26.60 -24.28 31.48
C ILE A 836 -25.77 -24.85 30.34
N LEU A 837 -25.50 -26.16 30.35
CA LEU A 837 -24.78 -26.79 29.25
C LEU A 837 -25.61 -26.83 27.97
N GLY A 838 -26.93 -26.92 28.09
CA GLY A 838 -27.77 -26.86 26.91
C GLY A 838 -28.03 -25.45 26.44
N THR A 839 -27.90 -24.48 27.33
CA THR A 839 -28.01 -23.06 26.99
C THR A 839 -26.72 -22.49 26.42
N PHE A 840 -25.56 -23.06 26.79
CA PHE A 840 -24.21 -22.54 26.57
C PHE A 840 -23.82 -22.15 25.14
N PRO A 841 -24.39 -22.73 24.06
CA PRO A 841 -24.19 -22.08 22.75
C PRO A 841 -24.83 -20.71 22.61
N LEU A 842 -25.83 -20.38 23.43
CA LEU A 842 -26.46 -19.07 23.35
C LEU A 842 -25.77 -18.03 24.23
N LEU A 843 -25.11 -18.45 25.30
CA LEU A 843 -24.36 -17.53 26.15
C LEU A 843 -23.00 -17.18 25.57
N VAL A 844 -22.47 -17.98 24.65
CA VAL A 844 -21.22 -17.64 23.98
C VAL A 844 -21.46 -16.94 22.65
N LEU A 845 -22.68 -16.99 22.13
CA LEU A 845 -23.02 -16.28 20.91
C LEU A 845 -23.41 -14.83 21.21
N ALA A 846 -23.91 -14.57 22.42
CA ALA A 846 -24.24 -13.21 22.80
C ALA A 846 -23.00 -12.42 23.19
N ASN A 847 -22.00 -13.10 23.76
CA ASN A 847 -20.73 -12.47 24.09
C ASN A 847 -19.78 -12.44 22.91
N PHE A 848 -20.15 -13.05 21.79
CA PHE A 848 -19.38 -12.92 20.57
C PHE A 848 -19.83 -11.72 19.75
N ALA A 849 -21.11 -11.37 19.85
CA ALA A 849 -21.63 -10.18 19.18
C ALA A 849 -21.27 -8.90 19.92
N GLN A 850 -21.05 -8.96 21.24
CA GLN A 850 -20.64 -7.80 22.01
C GLN A 850 -19.19 -7.42 21.80
N GLN A 851 -18.41 -8.26 21.12
CA GLN A 851 -17.01 -7.95 20.83
C GLN A 851 -16.76 -7.62 19.38
N LEU A 852 -17.68 -7.98 18.47
CA LEU A 852 -17.62 -7.47 17.11
C LEU A 852 -18.10 -6.02 17.06
N SER A 853 -18.90 -5.61 18.04
CA SER A 853 -19.48 -4.26 18.03
C SER A 853 -18.50 -3.22 18.53
N LEU A 854 -17.37 -3.63 19.11
CA LEU A 854 -16.37 -2.66 19.52
C LEU A 854 -15.58 -2.13 18.33
N LYS A 855 -15.62 -2.83 17.20
CA LYS A 855 -14.96 -2.38 15.98
C LYS A 855 -15.93 -2.12 14.84
N GLY A 856 -17.23 -2.13 15.11
CA GLY A 856 -18.21 -1.75 14.12
C GLY A 856 -18.67 -2.94 13.28
N PHE A 857 -19.90 -2.84 12.77
CA PHE A 857 -20.48 -3.86 11.91
C PHE A 857 -20.46 -3.48 10.43
N ALA A 858 -19.74 -2.43 10.05
CA ALA A 858 -19.72 -2.00 8.66
C ALA A 858 -18.34 -2.38 8.15
N GLY A 859 -18.07 -3.68 8.05
CA GLY A 859 -16.91 -4.11 7.30
C GLY A 859 -16.53 -3.92 5.86
N ASP A 860 -15.23 -3.71 5.61
CA ASP A 860 -14.64 -3.48 4.28
C ASP A 860 -15.40 -2.42 3.48
N THR A 861 -15.43 -1.20 4.04
CA THR A 861 -16.13 -0.10 3.41
C THR A 861 -15.36 0.50 2.23
N ALA A 862 -14.13 0.07 1.99
CA ALA A 862 -13.35 0.53 0.86
C ALA A 862 -13.50 -0.34 -0.37
N LYS A 863 -14.32 -1.40 -0.30
CA LYS A 863 -14.49 -2.32 -1.41
C LYS A 863 -15.74 -2.02 -2.23
N ALA A 864 -16.79 -1.52 -1.59
CA ALA A 864 -17.94 -1.04 -2.36
C ALA A 864 -17.63 0.29 -3.03
N HIS A 865 -16.81 1.11 -2.40
CA HIS A 865 -16.40 2.40 -2.97
C HIS A 865 -15.07 2.27 -3.72
N ALA A 866 -15.02 1.30 -4.61
CA ALA A 866 -13.89 1.12 -5.50
C ALA A 866 -14.27 1.26 -6.96
N LYS A 867 -15.45 0.77 -7.34
CA LYS A 867 -15.94 0.99 -8.70
C LYS A 867 -16.39 2.44 -8.88
N THR A 868 -16.89 3.08 -7.81
CA THR A 868 -17.32 4.46 -7.90
C THR A 868 -16.13 5.41 -7.94
N SER A 869 -15.01 5.01 -7.33
CA SER A 869 -13.86 5.88 -7.23
C SER A 869 -13.07 5.94 -8.53
N MET A 870 -13.02 4.82 -9.28
CA MET A 870 -12.29 4.79 -10.55
C MET A 870 -12.93 5.66 -11.62
N ILE A 871 -14.22 5.96 -11.49
CA ILE A 871 -14.85 6.89 -12.42
C ILE A 871 -14.39 8.32 -12.12
N ALA A 872 -14.14 8.62 -10.85
CA ALA A 872 -13.50 9.88 -10.51
C ALA A 872 -11.99 9.81 -10.68
N GLY A 873 -11.42 8.62 -10.56
CA GLY A 873 -10.00 8.41 -10.78
C GLY A 873 -9.54 8.45 -12.21
N GLU A 874 -10.46 8.58 -13.16
CA GLU A 874 -10.10 8.79 -14.56
C GLU A 874 -10.81 9.98 -15.17
N GLY A 875 -11.67 10.66 -14.43
CA GLY A 875 -12.20 11.95 -14.84
C GLY A 875 -11.37 13.11 -14.33
N VAL A 876 -10.29 12.82 -13.61
CA VAL A 876 -9.33 13.82 -13.17
C VAL A 876 -8.01 13.69 -13.93
N SER A 877 -7.49 12.47 -14.06
CA SER A 877 -6.25 12.24 -14.78
C SER A 877 -6.42 12.27 -16.29
N ASN A 878 -7.64 12.42 -16.79
CA ASN A 878 -7.90 12.60 -18.21
C ASN A 878 -8.72 13.85 -18.48
N ILE A 879 -8.57 14.88 -17.65
CA ILE A 879 -9.42 16.05 -17.72
C ILE A 879 -9.10 16.95 -18.90
N ARG A 880 -7.99 16.69 -19.62
CA ARG A 880 -7.72 17.44 -20.83
C ARG A 880 -8.64 17.04 -21.97
N THR A 881 -9.22 15.84 -21.89
CA THR A 881 -10.21 15.39 -22.84
C THR A 881 -11.63 15.38 -22.27
N VAL A 882 -11.77 15.44 -20.95
CA VAL A 882 -13.07 15.68 -20.33
C VAL A 882 -13.51 17.13 -20.53
N ALA A 883 -12.58 18.08 -20.43
CA ALA A 883 -12.93 19.48 -20.63
C ALA A 883 -13.20 19.78 -22.10
N ALA A 884 -12.44 19.17 -23.00
CA ALA A 884 -12.84 19.17 -24.40
C ALA A 884 -14.05 18.26 -24.59
N PHE A 885 -14.75 18.45 -25.71
CA PHE A 885 -15.97 17.76 -26.15
C PHE A 885 -17.18 18.06 -25.28
N ASN A 886 -17.04 18.89 -24.22
CA ASN A 886 -18.09 19.22 -23.24
C ASN A 886 -18.68 17.96 -22.61
N ALA A 887 -17.80 17.09 -22.11
CA ALA A 887 -18.19 15.83 -21.50
C ALA A 887 -18.19 15.91 -19.98
N GLN A 888 -18.55 17.07 -19.43
CA GLN A 888 -18.53 17.25 -17.98
C GLN A 888 -19.82 16.80 -17.30
N SER A 889 -20.95 16.87 -18.00
CA SER A 889 -22.22 16.42 -17.45
C SER A 889 -22.49 14.95 -17.70
N LYS A 890 -21.49 14.19 -18.15
CA LYS A 890 -21.61 12.76 -18.30
C LYS A 890 -20.71 11.98 -17.38
N ILE A 891 -19.62 12.58 -16.88
CA ILE A 891 -18.83 11.94 -15.85
C ILE A 891 -19.54 12.09 -14.50
N LEU A 892 -20.45 13.05 -14.40
CA LEU A 892 -21.23 13.24 -13.19
C LEU A 892 -22.50 12.41 -13.19
N SER A 893 -22.99 12.01 -14.36
CA SER A 893 -24.18 11.18 -14.40
C SER A 893 -23.84 9.71 -14.64
N LEU A 894 -22.55 9.38 -14.70
CA LEU A 894 -22.11 8.01 -14.51
C LEU A 894 -21.63 7.77 -13.09
N PHE A 895 -21.83 8.75 -12.22
CA PHE A 895 -21.36 8.73 -10.84
C PHE A 895 -22.49 8.92 -9.85
N CYS A 896 -23.47 9.76 -10.17
CA CYS A 896 -24.72 9.82 -9.41
C CYS A 896 -25.62 8.64 -9.69
N HIS A 897 -25.54 8.07 -10.90
CA HIS A 897 -26.29 6.87 -11.26
C HIS A 897 -25.60 5.60 -10.79
N GLU A 898 -24.45 5.72 -10.13
CA GLU A 898 -23.68 4.56 -9.74
C GLU A 898 -23.18 4.64 -8.30
N LEU A 899 -23.55 5.69 -7.56
CA LEU A 899 -23.54 5.65 -6.10
C LEU A 899 -24.80 5.01 -5.52
N ARG A 900 -25.65 4.43 -6.36
CA ARG A 900 -26.86 3.78 -5.87
C ARG A 900 -26.62 2.33 -5.52
N VAL A 901 -25.49 1.77 -5.93
CA VAL A 901 -25.12 0.39 -5.62
C VAL A 901 -24.58 0.27 -4.19
N PRO A 902 -23.68 1.13 -3.68
CA PRO A 902 -23.30 0.96 -2.27
C PRO A 902 -24.31 1.51 -1.28
N GLN A 903 -25.37 2.18 -1.73
CA GLN A 903 -26.42 2.58 -0.79
C GLN A 903 -27.44 1.47 -0.56
N LYS A 904 -27.71 0.65 -1.57
CA LYS A 904 -28.54 -0.54 -1.34
C LYS A 904 -27.74 -1.68 -0.75
N ARG A 905 -26.41 -1.61 -0.79
CA ARG A 905 -25.59 -2.55 -0.05
C ARG A 905 -25.48 -2.15 1.42
N SER A 906 -25.62 -0.85 1.72
CA SER A 906 -25.55 -0.38 3.08
C SER A 906 -26.90 -0.15 3.71
N LEU A 907 -27.99 -0.38 2.97
CA LEU A 907 -29.31 -0.46 3.57
C LEU A 907 -29.64 -1.87 4.01
N TYR A 908 -29.28 -2.86 3.20
CA TYR A 908 -29.54 -4.25 3.54
C TYR A 908 -28.61 -4.76 4.64
N ARG A 909 -27.41 -4.19 4.76
CA ARG A 909 -26.46 -4.63 5.76
C ARG A 909 -26.73 -4.00 7.12
N SER A 910 -27.36 -2.82 7.15
CA SER A 910 -27.64 -2.17 8.42
C SER A 910 -28.93 -2.67 9.06
N GLN A 911 -29.93 -3.04 8.25
CA GLN A 911 -31.16 -3.60 8.78
C GLN A 911 -30.97 -5.04 9.24
N THR A 912 -30.01 -5.76 8.66
CA THR A 912 -29.80 -7.16 9.01
C THR A 912 -28.90 -7.31 10.22
N SER A 913 -27.70 -6.74 10.15
CA SER A 913 -26.75 -6.80 11.26
C SER A 913 -27.25 -6.10 12.51
N GLY A 914 -28.07 -5.05 12.36
CA GLY A 914 -28.65 -4.40 13.51
C GLY A 914 -29.80 -5.14 14.15
N PHE A 915 -30.41 -6.07 13.42
CA PHE A 915 -31.48 -6.91 13.96
C PHE A 915 -30.97 -8.22 14.53
N LEU A 916 -29.91 -8.80 13.94
CA LEU A 916 -29.35 -10.03 14.49
C LEU A 916 -28.50 -9.76 15.72
N PHE A 917 -28.01 -8.53 15.88
CA PHE A 917 -27.36 -8.17 17.14
C PHE A 917 -28.35 -8.11 18.29
N GLY A 918 -29.43 -7.36 18.11
CA GLY A 918 -30.45 -7.24 19.14
C GLY A 918 -31.22 -8.51 19.44
N LEU A 919 -31.37 -9.39 18.45
CA LEU A 919 -32.03 -10.67 18.69
C LEU A 919 -31.16 -11.65 19.46
N SER A 920 -29.84 -11.54 19.36
CA SER A 920 -28.95 -12.37 20.14
C SER A 920 -28.70 -11.79 21.52
N GLN A 921 -29.16 -10.56 21.79
CA GLN A 921 -29.16 -10.03 23.14
C GLN A 921 -30.44 -10.37 23.88
N LEU A 922 -31.43 -10.94 23.19
CA LEU A 922 -32.65 -11.40 23.84
C LEU A 922 -32.53 -12.82 24.34
N ALA A 923 -31.59 -13.60 23.79
CA ALA A 923 -31.31 -14.93 24.30
C ALA A 923 -30.19 -14.93 25.34
N LEU A 924 -29.74 -13.75 25.77
CA LEU A 924 -28.80 -13.61 26.88
C LEU A 924 -29.50 -13.25 28.17
N TYR A 925 -30.60 -12.49 28.10
CA TYR A 925 -31.38 -12.16 29.28
C TYR A 925 -32.61 -13.05 29.42
N GLY A 926 -33.14 -13.56 28.30
CA GLY A 926 -34.23 -14.51 28.36
C GLY A 926 -33.79 -15.92 28.64
N SER A 927 -32.49 -16.15 28.83
CA SER A 927 -31.96 -17.46 29.17
C SER A 927 -31.26 -17.48 30.52
N GLU A 928 -30.92 -16.32 31.07
CA GLU A 928 -30.56 -16.20 32.47
C GLU A 928 -31.77 -16.10 33.37
N ALA A 929 -32.97 -16.02 32.79
CA ALA A 929 -34.19 -16.07 33.56
C ALA A 929 -34.76 -17.47 33.62
N LEU A 930 -34.22 -18.38 32.79
CA LEU A 930 -34.63 -19.77 32.83
C LEU A 930 -33.77 -20.56 33.80
N ILE A 931 -32.53 -20.13 33.99
CA ILE A 931 -31.64 -20.78 34.95
C ILE A 931 -32.04 -20.43 36.37
N LEU A 932 -32.23 -19.14 36.65
CA LEU A 932 -32.57 -18.68 37.99
C LEU A 932 -34.00 -19.02 38.40
N TRP A 933 -34.86 -19.38 37.45
CA TRP A 933 -36.18 -19.89 37.83
C TRP A 933 -36.14 -21.38 38.11
N TYR A 934 -35.39 -22.15 37.32
CA TYR A 934 -35.28 -23.57 37.56
C TYR A 934 -34.43 -23.87 38.79
N GLY A 935 -33.54 -22.96 39.17
CA GLY A 935 -32.81 -23.12 40.41
C GLY A 935 -33.66 -22.83 41.63
N ALA A 936 -34.59 -21.90 41.53
CA ALA A 936 -35.50 -21.57 42.62
C ALA A 936 -36.57 -22.61 42.82
N HIS A 937 -36.81 -23.46 41.83
CA HIS A 937 -37.75 -24.57 41.94
C HIS A 937 -37.14 -25.76 42.66
N LEU A 938 -35.83 -25.96 42.53
CA LEU A 938 -35.18 -27.08 43.20
C LEU A 938 -35.02 -26.82 44.69
N VAL A 939 -34.80 -25.55 45.08
CA VAL A 939 -34.64 -25.21 46.48
C VAL A 939 -35.95 -25.39 47.24
N SER A 940 -37.07 -25.04 46.62
CA SER A 940 -38.36 -25.12 47.29
C SER A 940 -38.89 -26.55 47.42
N LYS A 941 -38.37 -27.48 46.63
CA LYS A 941 -38.72 -28.89 46.78
C LYS A 941 -37.76 -29.64 47.69
N GLY A 942 -36.71 -28.98 48.18
CA GLY A 942 -35.76 -29.64 49.05
C GLY A 942 -34.73 -30.49 48.36
N VAL A 943 -34.30 -30.12 47.16
CA VAL A 943 -33.23 -30.84 46.48
C VAL A 943 -31.91 -30.09 46.61
N SER A 944 -31.88 -28.86 46.13
CA SER A 944 -30.69 -28.03 46.18
C SER A 944 -30.74 -27.15 47.42
N THR A 945 -29.80 -26.21 47.52
CA THR A 945 -29.77 -25.18 48.53
C THR A 945 -29.41 -23.85 47.87
N PHE A 946 -29.56 -22.77 48.62
CA PHE A 946 -28.92 -21.52 48.25
C PHE A 946 -27.41 -21.69 48.37
N SER A 947 -26.69 -20.97 47.50
CA SER A 947 -25.25 -21.06 47.23
C SER A 947 -24.84 -22.38 46.59
N LYS A 948 -25.79 -23.16 46.08
CA LYS A 948 -25.51 -24.14 45.05
C LYS A 948 -26.06 -23.72 43.69
N VAL A 949 -26.95 -22.73 43.68
CA VAL A 949 -27.45 -22.19 42.42
C VAL A 949 -26.68 -20.94 42.02
N ILE A 950 -26.25 -20.14 42.99
CA ILE A 950 -25.50 -18.92 42.69
C ILE A 950 -24.07 -19.26 42.28
N LYS A 951 -23.44 -20.25 42.94
CA LYS A 951 -22.09 -20.66 42.56
C LYS A 951 -22.04 -21.28 41.17
N VAL A 952 -23.03 -22.09 40.83
CA VAL A 952 -23.13 -22.62 39.47
C VAL A 952 -23.41 -21.50 38.47
N PHE A 953 -24.16 -20.48 38.88
CA PHE A 953 -24.50 -19.39 37.96
C PHE A 953 -23.30 -18.49 37.67
N VAL A 954 -22.59 -18.05 38.71
CA VAL A 954 -21.51 -17.07 38.55
C VAL A 954 -20.33 -17.68 37.81
N VAL A 955 -20.01 -18.95 38.09
CA VAL A 955 -18.83 -19.60 37.50
C VAL A 955 -19.04 -19.85 36.01
N LEU A 956 -20.20 -20.39 35.63
CA LEU A 956 -20.42 -20.81 34.25
C LEU A 956 -20.86 -19.67 33.34
N VAL A 957 -20.99 -18.45 33.85
CA VAL A 957 -21.28 -17.29 32.99
C VAL A 957 -20.00 -16.51 32.68
N ILE A 958 -19.13 -16.34 33.67
CA ILE A 958 -17.84 -15.69 33.45
C ILE A 958 -16.95 -16.54 32.54
N THR A 959 -17.12 -17.86 32.58
CA THR A 959 -16.43 -18.75 31.66
C THR A 959 -16.88 -18.51 30.22
N ALA A 960 -18.17 -18.19 30.01
CA ALA A 960 -18.69 -17.95 28.67
C ALA A 960 -18.15 -16.67 28.03
N ASN A 961 -17.55 -15.77 28.82
CA ASN A 961 -16.99 -14.55 28.26
C ASN A 961 -15.57 -14.81 27.74
N SER A 962 -15.00 -15.97 28.04
CA SER A 962 -13.66 -16.30 27.55
C SER A 962 -13.71 -17.27 26.38
N VAL A 963 -14.75 -18.12 26.33
CA VAL A 963 -14.93 -19.04 25.21
C VAL A 963 -15.22 -18.27 23.93
N ALA A 964 -15.88 -17.13 24.03
CA ALA A 964 -16.08 -16.27 22.86
C ALA A 964 -14.95 -15.26 22.70
N GLU A 965 -13.72 -15.76 22.83
CA GLU A 965 -12.50 -15.08 22.40
C GLU A 965 -11.68 -16.09 21.64
N THR A 966 -11.83 -17.36 22.00
CA THR A 966 -11.17 -18.45 21.28
C THR A 966 -11.80 -18.67 19.92
N VAL A 967 -13.11 -18.47 19.81
CA VAL A 967 -13.82 -18.72 18.55
C VAL A 967 -13.80 -17.46 17.70
N SER A 968 -13.22 -16.37 18.22
CA SER A 968 -13.03 -15.16 17.44
C SER A 968 -11.70 -15.16 16.69
N LEU A 969 -10.73 -15.95 17.14
CA LEU A 969 -9.50 -16.18 16.42
C LEU A 969 -9.46 -17.55 15.76
N ALA A 970 -10.62 -18.20 15.65
CA ALA A 970 -10.79 -19.51 15.01
C ALA A 970 -10.69 -19.53 13.48
N PRO A 971 -11.18 -18.54 12.71
CA PRO A 971 -10.92 -18.61 11.26
C PRO A 971 -9.46 -18.38 10.89
N GLU A 972 -8.74 -17.48 11.58
CA GLU A 972 -7.40 -17.10 11.16
C GLU A 972 -6.39 -18.23 11.30
N ILE A 973 -6.65 -19.21 12.16
CA ILE A 973 -5.78 -20.38 12.20
C ILE A 973 -6.00 -21.23 10.97
N ILE A 974 -7.23 -21.27 10.45
CA ILE A 974 -7.54 -22.04 9.26
C ILE A 974 -7.31 -21.23 7.99
N ARG A 975 -7.69 -19.95 7.99
CA ARG A 975 -7.63 -19.10 6.80
C ARG A 975 -6.21 -18.57 6.66
N GLY A 976 -5.27 -19.49 6.42
CA GLY A 976 -3.88 -19.23 6.06
C GLY A 976 -3.08 -18.24 6.88
N GLY A 977 -3.37 -18.12 8.17
CA GLY A 977 -2.84 -17.02 8.94
C GLY A 977 -3.46 -15.73 8.44
N GLU A 978 -2.64 -14.89 7.81
CA GLU A 978 -3.11 -13.79 6.98
C GLU A 978 -2.05 -13.52 5.91
N ALA A 979 -2.13 -12.36 5.27
CA ALA A 979 -1.21 -12.03 4.20
C ALA A 979 0.23 -11.86 4.69
N VAL A 980 0.43 -11.46 5.93
CA VAL A 980 1.77 -11.27 6.48
C VAL A 980 2.39 -12.57 6.98
N GLY A 981 1.57 -13.57 7.33
CA GLY A 981 2.04 -14.88 7.66
C GLY A 981 2.12 -15.81 6.48
N SER A 982 1.97 -15.26 5.28
CA SER A 982 2.02 -16.03 4.03
C SER A 982 3.32 -15.79 3.26
N VAL A 983 4.40 -15.44 3.97
CA VAL A 983 5.67 -15.29 3.29
C VAL A 983 6.40 -16.64 3.31
N PHE A 984 5.92 -17.54 2.45
CA PHE A 984 6.61 -18.76 2.08
C PHE A 984 6.99 -18.73 0.61
N SER A 985 6.49 -17.75 -0.13
CA SER A 985 6.81 -17.57 -1.54
C SER A 985 8.26 -17.15 -1.77
N VAL A 986 8.97 -16.72 -0.73
CA VAL A 986 10.42 -16.53 -0.85
C VAL A 986 11.20 -17.75 -0.38
N LEU A 987 10.62 -18.59 0.49
CA LEU A 987 11.25 -19.85 0.86
C LEU A 987 10.90 -20.95 -0.12
N ASP A 988 9.62 -21.11 -0.44
CA ASP A 988 9.17 -22.09 -1.42
C ASP A 988 9.11 -21.43 -2.79
N ARG A 989 10.27 -21.32 -3.42
CA ARG A 989 10.38 -20.77 -4.76
C ARG A 989 11.60 -21.41 -5.40
N GLN A 990 11.49 -21.76 -6.67
CA GLN A 990 12.55 -22.48 -7.36
C GLN A 990 13.27 -21.51 -8.28
N THR A 991 14.57 -21.33 -8.05
CA THR A 991 15.36 -20.46 -8.90
C THR A 991 15.63 -21.16 -10.24
N ARG A 992 15.80 -20.35 -11.28
CA ARG A 992 16.11 -20.88 -12.60
C ARG A 992 17.61 -21.10 -12.78
N ILE A 993 18.41 -20.16 -12.29
CA ILE A 993 19.85 -20.28 -12.30
C ILE A 993 20.30 -20.62 -10.89
N ASP A 994 20.83 -21.83 -10.71
CA ASP A 994 21.26 -22.28 -9.40
C ASP A 994 22.75 -22.02 -9.25
N PRO A 995 23.18 -21.18 -8.30
CA PRO A 995 24.61 -20.86 -8.17
C PRO A 995 25.48 -22.03 -7.73
N ASP A 996 24.94 -22.93 -6.91
CA ASP A 996 25.70 -24.06 -6.40
C ASP A 996 24.99 -25.35 -6.79
N ASP A 997 25.74 -26.27 -7.40
CA ASP A 997 25.26 -27.62 -7.71
C ASP A 997 26.31 -28.62 -7.28
N ALA A 998 25.84 -29.79 -6.83
CA ALA A 998 26.74 -30.87 -6.47
C ALA A 998 27.13 -31.73 -7.68
N ASP A 999 26.20 -31.92 -8.61
CA ASP A 999 26.46 -32.66 -9.85
C ASP A 999 26.86 -31.71 -10.98
N ALA A 1000 27.86 -30.88 -10.68
CA ALA A 1000 28.42 -29.96 -11.65
C ALA A 1000 29.94 -30.07 -11.62
N ASP A 1001 30.56 -29.84 -12.77
CA ASP A 1001 32.01 -29.94 -12.86
C ASP A 1001 32.66 -28.74 -12.18
N PRO A 1002 33.64 -28.94 -11.30
CA PRO A 1002 34.33 -27.79 -10.69
C PRO A 1002 35.28 -27.13 -11.66
N VAL A 1003 35.53 -25.83 -11.48
CA VAL A 1003 36.34 -25.03 -12.39
C VAL A 1003 37.65 -24.70 -11.68
N GLU A 1004 38.77 -25.10 -12.31
CA GLU A 1004 40.09 -24.81 -11.79
C GLU A 1004 40.82 -23.75 -12.60
N THR A 1005 40.68 -23.76 -13.93
CA THR A 1005 41.40 -22.82 -14.79
C THR A 1005 40.55 -22.51 -16.01
N ILE A 1006 40.24 -21.24 -16.22
CA ILE A 1006 39.65 -20.74 -17.46
C ILE A 1006 40.71 -19.92 -18.17
N ARG A 1007 41.22 -20.43 -19.29
CA ARG A 1007 42.19 -19.69 -20.09
C ARG A 1007 41.56 -18.56 -20.88
N GLY A 1008 40.25 -18.63 -21.12
CA GLY A 1008 39.53 -17.64 -21.90
C GLY A 1008 39.29 -18.13 -23.31
N ASP A 1009 38.11 -18.71 -23.54
CA ASP A 1009 37.75 -19.29 -24.83
C ASP A 1009 36.31 -18.93 -25.16
N ILE A 1010 35.99 -17.63 -25.04
CA ILE A 1010 34.62 -17.15 -25.24
C ILE A 1010 34.18 -17.39 -26.67
N GLU A 1011 33.08 -18.12 -26.84
CA GLU A 1011 32.54 -18.47 -28.14
C GLU A 1011 31.03 -18.52 -28.04
N PHE A 1012 30.36 -17.87 -28.98
CA PHE A 1012 28.90 -17.91 -29.07
C PHE A 1012 28.49 -18.71 -30.30
N ARG A 1013 27.69 -19.75 -30.09
CA ARG A 1013 27.07 -20.49 -31.17
C ARG A 1013 25.75 -19.80 -31.54
N HIS A 1014 24.89 -20.49 -32.27
CA HIS A 1014 23.69 -19.89 -32.84
C HIS A 1014 22.69 -19.58 -31.73
N VAL A 1015 22.74 -18.35 -31.22
CA VAL A 1015 22.06 -17.94 -30.00
C VAL A 1015 21.18 -16.74 -30.29
N ASP A 1016 19.91 -16.83 -29.94
CA ASP A 1016 19.02 -15.68 -29.87
C ASP A 1016 18.59 -15.47 -28.42
N PHE A 1017 18.12 -14.27 -28.12
CA PHE A 1017 17.89 -13.88 -26.73
C PHE A 1017 16.87 -12.76 -26.67
N ALA A 1018 16.06 -12.78 -25.60
CA ALA A 1018 15.14 -11.70 -25.28
C ALA A 1018 15.14 -11.50 -23.77
N TYR A 1019 14.60 -10.37 -23.33
CA TYR A 1019 14.46 -10.13 -21.91
C TYR A 1019 13.17 -10.76 -21.38
N PRO A 1020 13.22 -11.40 -20.20
CA PRO A 1020 11.99 -11.91 -19.58
C PRO A 1020 11.07 -10.82 -19.08
N SER A 1021 11.58 -9.60 -18.86
CA SER A 1021 10.72 -8.50 -18.42
C SER A 1021 9.81 -8.03 -19.54
N ARG A 1022 10.32 -8.04 -20.78
CA ARG A 1022 9.54 -7.69 -21.96
C ARG A 1022 9.90 -8.70 -23.05
N PRO A 1023 9.11 -9.76 -23.21
CA PRO A 1023 9.48 -10.84 -24.13
C PRO A 1023 9.15 -10.56 -25.59
N ASP A 1024 8.62 -9.39 -25.92
CA ASP A 1024 8.29 -9.09 -27.31
C ASP A 1024 9.51 -8.61 -28.10
N VAL A 1025 10.36 -7.80 -27.48
CA VAL A 1025 11.56 -7.30 -28.14
C VAL A 1025 12.57 -8.45 -28.24
N MET A 1026 13.24 -8.55 -29.39
CA MET A 1026 14.03 -9.72 -29.78
C MET A 1026 15.46 -9.29 -30.11
N VAL A 1027 16.11 -8.64 -29.11
CA VAL A 1027 17.38 -7.93 -29.27
C VAL A 1027 18.50 -8.77 -29.90
N PHE A 1028 18.47 -10.10 -29.73
CA PHE A 1028 19.44 -10.98 -30.40
C PHE A 1028 18.74 -11.90 -31.38
N ARG A 1029 19.35 -12.05 -32.56
CA ARG A 1029 18.82 -12.85 -33.67
C ARG A 1029 20.00 -13.59 -34.32
N ASP A 1030 20.26 -14.81 -33.84
CA ASP A 1030 21.33 -15.69 -34.32
C ASP A 1030 22.70 -15.00 -34.23
N PHE A 1031 23.06 -14.66 -33.00
CA PHE A 1031 24.28 -13.92 -32.72
C PHE A 1031 25.47 -14.87 -32.61
N ASN A 1032 26.63 -14.42 -33.09
CA ASN A 1032 27.81 -15.26 -33.14
C ASN A 1032 29.06 -14.44 -32.85
N LEU A 1033 29.93 -14.96 -31.99
CA LEU A 1033 31.27 -14.40 -31.78
C LEU A 1033 32.25 -15.54 -31.57
N ARG A 1034 33.54 -15.17 -31.60
CA ARG A 1034 34.62 -16.13 -31.34
C ARG A 1034 35.81 -15.33 -30.81
N ILE A 1035 36.03 -15.37 -29.50
CA ILE A 1035 37.07 -14.59 -28.85
C ILE A 1035 38.17 -15.54 -28.40
N ARG A 1036 39.32 -15.44 -29.05
CA ARG A 1036 40.46 -16.31 -28.76
C ARG A 1036 41.23 -15.76 -27.55
N ALA A 1037 41.97 -16.64 -26.89
CA ALA A 1037 42.74 -16.27 -25.71
C ALA A 1037 43.86 -15.30 -26.07
N GLY A 1038 44.10 -14.34 -25.18
CA GLY A 1038 45.15 -13.36 -25.39
C GLY A 1038 44.80 -12.25 -26.35
N HIS A 1039 43.53 -12.13 -26.74
CA HIS A 1039 43.08 -11.06 -27.61
C HIS A 1039 42.16 -10.13 -26.81
N SER A 1040 41.63 -9.13 -27.48
CA SER A 1040 40.67 -8.20 -26.89
C SER A 1040 39.41 -8.20 -27.75
N GLN A 1041 38.51 -7.28 -27.44
CA GLN A 1041 37.28 -7.12 -28.20
C GLN A 1041 36.75 -5.71 -27.96
N ALA A 1042 36.19 -5.10 -29.01
CA ALA A 1042 35.87 -3.69 -29.06
C ALA A 1042 34.47 -3.45 -29.61
N LEU A 1043 33.48 -4.14 -29.02
CA LEU A 1043 32.07 -4.08 -29.41
C LEU A 1043 31.55 -2.66 -29.52
N VAL A 1044 31.11 -2.28 -30.72
CA VAL A 1044 30.86 -0.90 -31.11
C VAL A 1044 29.54 -0.42 -30.49
N GLY A 1045 29.32 0.89 -30.51
CA GLY A 1045 28.12 1.47 -29.93
C GLY A 1045 26.84 1.17 -30.68
N ALA A 1046 26.72 1.70 -31.90
CA ALA A 1046 25.56 1.55 -32.79
C ALA A 1046 24.26 2.01 -32.12
N SER A 1047 24.36 3.08 -31.32
CA SER A 1047 23.23 3.78 -30.69
C SER A 1047 22.40 2.89 -29.78
N GLY A 1048 23.01 1.85 -29.21
CA GLY A 1048 22.28 0.97 -28.30
C GLY A 1048 21.56 -0.15 -29.00
N SER A 1049 22.25 -0.87 -29.87
CA SER A 1049 21.68 -2.04 -30.55
C SER A 1049 21.96 -3.32 -29.76
N GLY A 1050 21.58 -3.32 -28.48
CA GLY A 1050 21.86 -4.43 -27.60
C GLY A 1050 23.33 -4.57 -27.28
N LYS A 1051 24.00 -3.45 -26.96
CA LYS A 1051 25.44 -3.52 -26.73
C LYS A 1051 25.82 -3.85 -25.29
N SER A 1052 25.05 -3.42 -24.28
CA SER A 1052 25.38 -3.86 -22.93
C SER A 1052 24.52 -5.05 -22.52
N SER A 1053 24.57 -6.10 -23.34
CA SER A 1053 23.94 -7.37 -23.02
C SER A 1053 24.80 -8.56 -23.38
N VAL A 1054 26.03 -8.34 -23.85
CA VAL A 1054 26.93 -9.44 -24.14
C VAL A 1054 27.68 -9.86 -22.87
N ILE A 1055 28.03 -8.89 -22.03
CA ILE A 1055 28.67 -9.19 -20.74
C ILE A 1055 27.68 -9.78 -19.74
N ALA A 1056 26.38 -9.66 -19.98
CA ALA A 1056 25.36 -10.27 -19.14
C ALA A 1056 25.07 -11.71 -19.54
N MET A 1057 25.93 -12.34 -20.33
CA MET A 1057 25.88 -13.79 -20.54
C MET A 1057 27.23 -14.47 -20.37
N ILE A 1058 28.33 -13.71 -20.28
CA ILE A 1058 29.62 -14.31 -19.95
C ILE A 1058 29.61 -14.85 -18.53
N GLU A 1059 28.94 -14.13 -17.64
CA GLU A 1059 28.50 -14.67 -16.36
C GLU A 1059 26.98 -14.65 -16.34
N ARG A 1060 26.39 -15.74 -15.85
CA ARG A 1060 24.98 -16.03 -16.12
C ARG A 1060 24.08 -15.13 -15.29
N PHE A 1061 23.92 -13.90 -15.77
CA PHE A 1061 22.82 -13.06 -15.29
C PHE A 1061 21.52 -13.42 -15.98
N TYR A 1062 21.58 -13.95 -17.19
CA TYR A 1062 20.40 -14.36 -17.95
C TYR A 1062 20.78 -15.57 -18.79
N ASP A 1063 19.86 -16.53 -18.91
CA ASP A 1063 20.10 -17.64 -19.81
C ASP A 1063 19.51 -17.34 -21.19
N PRO A 1064 20.10 -17.85 -22.26
CA PRO A 1064 19.55 -17.60 -23.59
C PRO A 1064 18.31 -18.44 -23.85
N LEU A 1065 17.53 -18.00 -24.85
CA LEU A 1065 16.31 -18.72 -25.21
C LEU A 1065 16.62 -20.00 -25.97
N ALA A 1066 17.51 -19.93 -26.95
CA ALA A 1066 17.88 -21.10 -27.74
C ALA A 1066 19.31 -20.94 -28.23
N GLY A 1067 20.13 -21.94 -27.97
CA GLY A 1067 21.53 -21.94 -28.34
C GLY A 1067 22.41 -22.28 -27.15
N LYS A 1068 23.72 -22.27 -27.40
CA LYS A 1068 24.70 -22.61 -26.38
C LYS A 1068 25.73 -21.49 -26.26
N VAL A 1069 26.17 -21.26 -25.03
CA VAL A 1069 27.25 -20.32 -24.73
C VAL A 1069 28.49 -21.14 -24.42
N MET A 1070 29.47 -21.10 -25.31
CA MET A 1070 30.65 -21.95 -25.23
C MET A 1070 31.76 -21.22 -24.49
N ILE A 1071 32.25 -21.82 -23.41
CA ILE A 1071 33.34 -21.26 -22.62
C ILE A 1071 34.29 -22.38 -22.21
N ASP A 1072 35.59 -22.20 -22.50
CA ASP A 1072 36.65 -23.19 -22.29
C ASP A 1072 36.33 -24.51 -22.98
N GLY A 1073 35.76 -24.42 -24.18
CA GLY A 1073 35.33 -25.59 -24.91
C GLY A 1073 34.17 -26.35 -24.28
N LYS A 1074 33.40 -25.70 -23.41
CA LYS A 1074 32.31 -26.34 -22.69
C LYS A 1074 31.13 -25.39 -22.62
N ASP A 1075 29.95 -25.96 -22.39
CA ASP A 1075 28.75 -25.15 -22.20
C ASP A 1075 28.82 -24.45 -20.85
N ILE A 1076 28.17 -23.29 -20.76
CA ILE A 1076 28.21 -22.52 -19.51
C ILE A 1076 27.22 -23.07 -18.48
N ARG A 1077 26.22 -23.83 -18.92
CA ARG A 1077 25.28 -24.44 -17.98
C ARG A 1077 25.72 -25.84 -17.56
N ARG A 1078 27.00 -25.97 -17.20
CA ARG A 1078 27.55 -27.22 -16.70
C ARG A 1078 28.55 -27.02 -15.58
N LEU A 1079 28.75 -25.79 -15.11
CA LEU A 1079 29.88 -25.45 -14.25
C LEU A 1079 29.40 -24.86 -12.94
N ASN A 1080 30.23 -25.01 -11.91
CA ASN A 1080 29.99 -24.38 -10.61
C ASN A 1080 30.04 -22.88 -10.78
N LEU A 1081 28.90 -22.23 -10.57
CA LEU A 1081 28.78 -20.80 -10.88
C LEU A 1081 29.56 -19.95 -9.89
N LYS A 1082 29.62 -20.36 -8.62
CA LYS A 1082 30.43 -19.63 -7.65
C LYS A 1082 31.91 -19.82 -7.88
N SER A 1083 32.33 -20.94 -8.48
CA SER A 1083 33.73 -21.18 -8.80
C SER A 1083 34.10 -20.68 -10.19
N LEU A 1084 33.20 -19.96 -10.85
CA LEU A 1084 33.45 -19.36 -12.15
C LEU A 1084 33.43 -17.84 -12.10
N ARG A 1085 32.56 -17.25 -11.27
CA ARG A 1085 32.47 -15.81 -11.15
C ARG A 1085 33.62 -15.20 -10.37
N LEU A 1086 34.43 -16.00 -9.66
CA LEU A 1086 35.60 -15.46 -8.98
C LEU A 1086 36.83 -15.38 -9.87
N LYS A 1087 36.67 -15.61 -11.18
CA LYS A 1087 37.76 -15.35 -12.13
C LYS A 1087 37.23 -14.68 -13.40
N ILE A 1088 36.05 -14.08 -13.34
CA ILE A 1088 35.52 -13.20 -14.38
C ILE A 1088 34.97 -12.00 -13.64
N GLY A 1089 35.66 -10.87 -13.71
CA GLY A 1089 35.25 -9.68 -12.98
C GLY A 1089 35.02 -8.47 -13.87
N LEU A 1090 33.86 -7.86 -13.76
CA LEU A 1090 33.51 -6.75 -14.64
C LEU A 1090 33.75 -5.41 -13.98
N VAL A 1091 33.56 -4.35 -14.76
CA VAL A 1091 33.51 -2.98 -14.28
C VAL A 1091 32.18 -2.40 -14.77
N GLN A 1092 31.33 -2.01 -13.83
CA GLN A 1092 29.92 -1.74 -14.08
C GLN A 1092 29.76 -0.49 -14.97
N GLN A 1093 28.58 -0.39 -15.59
CA GLN A 1093 28.21 0.78 -16.38
C GLN A 1093 28.27 2.06 -15.56
N GLU A 1094 27.45 2.15 -14.51
CA GLU A 1094 27.53 3.25 -13.56
C GLU A 1094 27.99 2.66 -12.24
N PRO A 1095 29.27 2.82 -11.87
CA PRO A 1095 29.79 2.15 -10.67
C PRO A 1095 29.20 2.71 -9.39
N ALA A 1096 28.82 1.79 -8.51
CA ALA A 1096 28.23 2.13 -7.23
C ALA A 1096 29.10 1.57 -6.12
N LEU A 1097 29.15 2.30 -5.00
CA LEU A 1097 29.99 1.93 -3.87
C LEU A 1097 29.12 1.71 -2.65
N PHE A 1098 29.45 0.68 -1.88
CA PHE A 1098 28.75 0.39 -0.64
C PHE A 1098 29.10 1.45 0.41
N ALA A 1099 28.29 1.51 1.47
CA ALA A 1099 28.50 2.50 2.52
C ALA A 1099 29.53 1.97 3.51
N ALA A 1100 30.80 2.24 3.20
CA ALA A 1100 31.91 1.86 4.05
C ALA A 1100 33.08 2.78 3.76
N THR A 1101 34.25 2.42 4.29
CA THR A 1101 35.48 3.15 4.04
C THR A 1101 35.96 2.88 2.61
N ILE A 1102 36.95 3.65 2.15
CA ILE A 1102 37.69 3.14 1.00
C ILE A 1102 38.87 2.37 1.59
N PHE A 1103 38.56 1.23 2.18
CA PHE A 1103 39.46 0.11 2.40
C PHE A 1103 38.74 -1.22 2.20
N ASP A 1104 37.42 -1.27 2.38
CA ASP A 1104 36.60 -2.41 2.02
C ASP A 1104 36.17 -2.37 0.57
N ASN A 1105 35.82 -1.19 0.04
CA ASN A 1105 35.43 -1.05 -1.35
C ASN A 1105 36.58 -1.22 -2.33
N ILE A 1106 37.83 -1.27 -1.84
CA ILE A 1106 38.96 -1.68 -2.65
C ILE A 1106 39.55 -2.99 -2.19
N ALA A 1107 38.90 -3.71 -1.28
CA ALA A 1107 39.26 -5.07 -0.91
C ALA A 1107 38.07 -6.01 -0.91
N TYR A 1108 36.96 -5.60 -1.53
CA TYR A 1108 35.80 -6.47 -1.66
C TYR A 1108 35.98 -7.48 -2.79
N GLY A 1109 36.98 -7.29 -3.64
CA GLY A 1109 37.21 -8.17 -4.76
C GLY A 1109 38.23 -9.26 -4.51
N LYS A 1110 38.75 -9.33 -3.28
CA LYS A 1110 39.69 -10.37 -2.92
C LYS A 1110 39.64 -10.59 -1.41
N ASP A 1111 39.34 -11.82 -1.02
CA ASP A 1111 39.15 -12.19 0.37
C ASP A 1111 40.48 -12.54 1.02
N GLY A 1112 40.93 -11.67 1.92
CA GLY A 1112 42.12 -11.95 2.70
C GLY A 1112 43.28 -10.98 2.54
N ALA A 1113 43.17 -10.06 1.59
CA ALA A 1113 44.23 -9.09 1.38
C ALA A 1113 44.09 -7.92 2.35
N THR A 1114 45.19 -7.58 3.02
CA THR A 1114 45.14 -6.51 4.02
C THR A 1114 45.99 -5.30 3.63
N GLU A 1115 47.29 -5.50 3.45
CA GLU A 1115 48.18 -4.38 3.16
C GLU A 1115 49.23 -4.67 2.10
N SER A 1116 49.45 -5.93 1.72
CA SER A 1116 50.55 -6.28 0.84
C SER A 1116 50.29 -5.90 -0.61
N GLU A 1117 49.24 -6.45 -1.22
CA GLU A 1117 48.87 -6.12 -2.59
C GLU A 1117 47.71 -5.13 -2.66
N VAL A 1118 47.33 -4.54 -1.54
CA VAL A 1118 46.28 -3.53 -1.50
C VAL A 1118 46.81 -2.15 -1.85
N ILE A 1119 48.03 -1.84 -1.40
CA ILE A 1119 48.67 -0.57 -1.77
C ILE A 1119 49.02 -0.57 -3.25
N ASP A 1120 49.48 -1.71 -3.77
CA ASP A 1120 49.80 -1.82 -5.19
C ASP A 1120 48.53 -1.79 -6.04
N ALA A 1121 47.41 -2.28 -5.49
CA ALA A 1121 46.14 -2.19 -6.21
C ALA A 1121 45.61 -0.77 -6.28
N ALA A 1122 46.05 0.12 -5.40
CA ALA A 1122 45.75 1.54 -5.58
C ALA A 1122 46.49 2.09 -6.79
N ARG A 1123 47.82 1.95 -6.79
CA ARG A 1123 48.66 2.57 -7.82
C ARG A 1123 48.81 1.65 -9.03
N ALA A 1124 47.67 1.33 -9.63
CA ALA A 1124 47.63 0.75 -10.98
C ALA A 1124 46.69 1.54 -11.88
N ALA A 1125 45.54 1.97 -11.36
CA ALA A 1125 44.77 3.09 -11.88
C ALA A 1125 44.99 3.89 -10.60
N ASN A 1126 45.88 4.89 -10.68
CA ASN A 1126 46.55 5.30 -9.45
C ASN A 1126 45.67 6.02 -8.42
N ALA A 1127 45.22 7.24 -8.72
CA ALA A 1127 44.54 8.14 -7.79
C ALA A 1127 45.20 8.22 -6.41
N HIS A 1128 46.53 8.18 -6.37
CA HIS A 1128 47.21 7.96 -5.11
C HIS A 1128 47.26 9.23 -4.27
N GLY A 1129 47.45 10.38 -4.91
CA GLY A 1129 47.22 11.64 -4.24
C GLY A 1129 45.77 11.86 -3.86
N PHE A 1130 44.84 11.28 -4.61
CA PHE A 1130 43.43 11.33 -4.23
C PHE A 1130 43.16 10.43 -3.03
N ILE A 1131 43.92 9.34 -2.89
CA ILE A 1131 43.69 8.40 -1.81
C ILE A 1131 44.63 8.62 -0.63
N SER A 1132 45.75 9.33 -0.82
CA SER A 1132 46.55 9.76 0.32
C SER A 1132 46.13 11.14 0.78
N GLY A 1133 45.51 11.92 -0.10
CA GLY A 1133 44.88 13.15 0.33
C GLY A 1133 43.46 12.84 0.77
N LEU A 1134 43.32 12.55 2.06
CA LEU A 1134 42.10 12.06 2.69
C LEU A 1134 42.37 12.14 4.19
N PRO A 1135 41.39 12.53 5.03
CA PRO A 1135 41.67 12.78 6.45
C PRO A 1135 42.11 11.57 7.28
N GLU A 1136 41.28 10.54 7.38
CA GLU A 1136 41.63 9.39 8.21
C GLU A 1136 42.31 8.28 7.41
N GLY A 1137 43.34 8.61 6.63
CA GLY A 1137 44.05 7.59 5.88
C GLY A 1137 43.24 7.01 4.75
N TYR A 1138 42.79 5.77 4.92
CA TYR A 1138 41.90 5.10 3.98
C TYR A 1138 40.54 4.83 4.61
N LYS A 1139 40.03 5.77 5.40
CA LYS A 1139 38.82 5.55 6.21
C LYS A 1139 37.91 6.77 6.09
N THR A 1140 36.91 6.69 5.21
CA THR A 1140 35.82 7.66 5.19
C THR A 1140 34.59 7.04 4.54
N PRO A 1141 33.40 7.28 5.08
CA PRO A 1141 32.18 6.81 4.40
C PRO A 1141 31.98 7.56 3.09
N VAL A 1142 31.74 6.82 2.01
CA VAL A 1142 31.67 7.41 0.68
C VAL A 1142 30.36 7.06 -0.01
N GLY A 1143 29.71 5.98 0.42
CA GLY A 1143 28.52 5.53 -0.27
C GLY A 1143 27.23 6.16 0.21
N GLU A 1144 26.95 6.02 1.51
CA GLU A 1144 25.73 6.55 2.10
C GLU A 1144 26.09 7.26 3.40
N ARG A 1145 25.50 8.45 3.57
CA ARG A 1145 25.67 9.29 4.77
C ARG A 1145 27.12 9.65 5.02
N GLY A 1146 27.89 9.86 3.96
CA GLY A 1146 29.30 10.16 4.07
C GLY A 1146 29.76 11.24 3.11
N VAL A 1147 31.07 11.29 2.85
CA VAL A 1147 31.63 12.32 1.98
C VAL A 1147 31.23 12.01 0.53
N GLN A 1148 31.06 13.06 -0.26
CA GLN A 1148 30.59 12.92 -1.64
C GLN A 1148 31.79 12.95 -2.58
N LEU A 1149 31.81 12.02 -3.54
CA LEU A 1149 32.79 12.00 -4.60
C LEU A 1149 32.15 12.37 -5.93
N SER A 1150 32.96 12.42 -6.97
CA SER A 1150 32.49 12.76 -8.30
C SER A 1150 32.39 11.51 -9.18
N GLY A 1151 31.79 11.68 -10.35
CA GLY A 1151 31.63 10.59 -11.29
C GLY A 1151 32.93 10.08 -11.88
N GLY A 1152 33.96 10.94 -11.94
CA GLY A 1152 35.27 10.50 -12.39
C GLY A 1152 36.11 9.84 -11.32
N GLN A 1153 35.80 10.07 -10.05
CA GLN A 1153 36.52 9.44 -8.95
C GLN A 1153 35.90 8.14 -8.47
N LYS A 1154 34.58 7.99 -8.60
CA LYS A 1154 33.94 6.71 -8.32
C LYS A 1154 34.36 5.65 -9.34
N GLN A 1155 34.61 6.07 -10.58
CA GLN A 1155 35.10 5.14 -11.60
C GLN A 1155 36.50 4.64 -11.27
N ARG A 1156 37.31 5.47 -10.61
CA ARG A 1156 38.65 5.08 -10.19
C ARG A 1156 38.66 4.01 -9.11
N ILE A 1157 37.60 3.92 -8.30
CA ILE A 1157 37.58 2.95 -7.21
C ILE A 1157 37.21 1.57 -7.73
N ALA A 1158 36.25 1.50 -8.66
CA ALA A 1158 35.81 0.23 -9.22
C ALA A 1158 36.90 -0.47 -10.03
N ILE A 1159 37.81 0.29 -10.65
CA ILE A 1159 38.94 -0.32 -11.35
C ILE A 1159 39.95 -0.89 -10.35
N ALA A 1160 40.02 -0.33 -9.14
CA ALA A 1160 40.92 -0.86 -8.12
C ALA A 1160 40.46 -2.22 -7.60
N ARG A 1161 39.16 -2.49 -7.66
CA ARG A 1161 38.65 -3.85 -7.40
C ARG A 1161 39.17 -4.83 -8.44
N ALA A 1162 39.01 -4.50 -9.71
CA ALA A 1162 39.35 -5.40 -10.81
C ALA A 1162 40.85 -5.62 -10.98
N VAL A 1163 41.70 -4.78 -10.38
CA VAL A 1163 43.13 -5.02 -10.39
C VAL A 1163 43.61 -5.73 -9.12
N LEU A 1164 42.86 -5.66 -8.01
CA LEU A 1164 43.19 -6.49 -6.85
C LEU A 1164 42.83 -7.94 -7.08
N LYS A 1165 41.69 -8.19 -7.73
CA LYS A 1165 41.19 -9.55 -7.94
C LYS A 1165 42.09 -10.33 -8.88
N ASN A 1166 42.72 -9.65 -9.85
CA ASN A 1166 43.58 -10.16 -10.91
C ASN A 1166 42.88 -11.29 -11.66
N PRO A 1167 41.88 -10.99 -12.48
CA PRO A 1167 41.12 -12.05 -13.14
C PRO A 1167 41.84 -12.51 -14.40
N THR A 1168 41.21 -13.44 -15.11
CA THR A 1168 41.67 -13.83 -16.43
C THR A 1168 40.80 -13.25 -17.53
N VAL A 1169 39.48 -13.23 -17.37
CA VAL A 1169 38.57 -12.62 -18.32
C VAL A 1169 38.17 -11.27 -17.73
N LEU A 1170 38.38 -10.20 -18.50
CA LEU A 1170 38.03 -8.86 -18.05
C LEU A 1170 36.85 -8.33 -18.85
N LEU A 1171 35.94 -7.63 -18.19
CA LEU A 1171 34.74 -7.09 -18.82
C LEU A 1171 34.65 -5.60 -18.49
N LEU A 1172 34.50 -4.77 -19.51
CA LEU A 1172 34.28 -3.35 -19.32
C LEU A 1172 32.93 -2.95 -19.92
N ASP A 1173 32.36 -1.86 -19.41
CA ASP A 1173 31.04 -1.43 -19.86
C ASP A 1173 30.90 0.07 -19.69
N GLN A 1174 30.77 0.78 -20.80
CA GLN A 1174 30.56 2.23 -20.81
C GLN A 1174 29.55 2.55 -21.90
N ALA A 1175 28.53 3.33 -21.56
CA ALA A 1175 27.43 3.59 -22.49
C ALA A 1175 26.66 4.83 -22.06
N THR A 1176 26.04 5.48 -23.05
CA THR A 1176 25.04 6.55 -22.89
C THR A 1176 25.54 7.74 -22.06
N SER A 1177 26.69 8.29 -22.46
CA SER A 1177 27.28 9.52 -21.91
C SER A 1177 27.56 9.39 -20.41
N ALA A 1178 28.34 8.36 -20.07
CA ALA A 1178 28.68 8.05 -18.70
C ALA A 1178 30.09 8.52 -18.35
N LEU A 1179 30.65 9.41 -19.18
CA LEU A 1179 31.94 9.99 -18.85
C LEU A 1179 31.81 11.00 -17.71
N ASP A 1180 30.92 12.00 -17.89
CA ASP A 1180 30.43 12.90 -16.84
C ASP A 1180 31.54 13.76 -16.23
N ALA A 1181 32.63 13.93 -16.96
CA ALA A 1181 33.79 14.67 -16.45
C ALA A 1181 34.64 15.12 -17.63
N GLU A 1182 34.94 16.41 -17.69
CA GLU A 1182 35.90 16.92 -18.66
C GLU A 1182 37.32 16.69 -18.18
N SER A 1183 38.28 16.99 -19.05
CA SER A 1183 39.72 16.74 -18.86
C SER A 1183 39.97 15.26 -18.53
N GLU A 1184 39.71 14.45 -19.55
CA GLU A 1184 39.61 13.00 -19.38
C GLU A 1184 40.97 12.39 -19.11
N CYS A 1185 41.22 12.05 -17.84
CA CYS A 1185 42.42 11.32 -17.45
C CYS A 1185 42.14 10.21 -16.45
N VAL A 1186 40.87 9.93 -16.11
CA VAL A 1186 40.56 8.91 -15.13
C VAL A 1186 40.59 7.51 -15.74
N LEU A 1187 40.64 7.41 -17.06
CA LEU A 1187 40.54 6.13 -17.75
C LEU A 1187 41.76 5.78 -18.59
N GLN A 1188 42.54 6.77 -19.02
CA GLN A 1188 43.60 6.52 -20.01
C GLN A 1188 44.76 5.72 -19.43
N GLU A 1189 44.95 5.77 -18.11
CA GLU A 1189 46.01 4.98 -17.49
C GLU A 1189 45.59 3.52 -17.32
N ALA A 1190 44.32 3.27 -17.02
CA ALA A 1190 43.88 1.91 -16.70
C ALA A 1190 43.63 1.08 -17.95
N LEU A 1191 43.30 1.75 -19.07
CA LEU A 1191 42.86 1.02 -20.26
C LEU A 1191 44.01 0.35 -21.01
N GLU A 1192 45.26 0.61 -20.61
CA GLU A 1192 46.40 -0.01 -21.29
C GLU A 1192 47.26 -0.87 -20.37
N ARG A 1193 47.32 -0.56 -19.07
CA ARG A 1193 48.10 -1.37 -18.15
C ARG A 1193 47.40 -2.69 -17.82
N LEU A 1194 46.07 -2.67 -17.77
CA LEU A 1194 45.29 -3.77 -17.20
C LEU A 1194 45.11 -4.94 -18.16
N MET A 1195 45.34 -4.74 -19.47
CA MET A 1195 45.03 -5.74 -20.48
C MET A 1195 46.23 -6.63 -20.84
N ARG A 1196 47.34 -6.56 -20.10
CA ARG A 1196 48.58 -7.15 -20.59
C ARG A 1196 48.63 -8.67 -20.46
N GLY A 1197 47.66 -9.30 -19.81
CA GLY A 1197 47.67 -10.74 -19.71
C GLY A 1197 46.30 -11.38 -19.73
N ARG A 1198 45.30 -10.62 -20.15
CA ARG A 1198 43.90 -10.98 -19.94
C ARG A 1198 43.17 -11.05 -21.29
N THR A 1199 42.02 -11.72 -21.27
CA THR A 1199 41.10 -11.74 -22.39
C THR A 1199 39.98 -10.75 -22.09
N THR A 1200 39.98 -9.61 -22.78
CA THR A 1200 39.13 -8.49 -22.42
C THR A 1200 38.02 -8.31 -23.45
N VAL A 1201 36.89 -7.78 -22.97
CA VAL A 1201 35.77 -7.38 -23.81
C VAL A 1201 35.42 -5.96 -23.43
N VAL A 1202 35.50 -5.03 -24.38
CA VAL A 1202 35.36 -3.60 -24.13
C VAL A 1202 34.22 -3.07 -24.99
N VAL A 1203 33.24 -2.44 -24.36
CA VAL A 1203 32.18 -1.74 -25.06
C VAL A 1203 32.18 -0.28 -24.62
N ALA A 1204 32.12 0.63 -25.57
CA ALA A 1204 32.10 2.06 -25.29
C ALA A 1204 31.23 2.75 -26.35
N HIS A 1205 30.34 3.62 -25.88
CA HIS A 1205 29.38 4.28 -26.75
C HIS A 1205 30.00 5.34 -27.67
N ARG A 1206 31.14 5.90 -27.27
CA ARG A 1206 31.81 6.88 -28.12
C ARG A 1206 32.81 6.18 -29.03
N LEU A 1207 32.95 6.71 -30.23
CA LEU A 1207 33.90 6.18 -31.22
C LEU A 1207 35.26 6.85 -31.05
N SER A 1208 35.85 6.59 -29.88
CA SER A 1208 37.13 7.16 -29.50
C SER A 1208 37.71 6.32 -28.38
N THR A 1209 39.04 6.18 -28.41
CA THR A 1209 39.87 5.39 -27.48
C THR A 1209 39.44 3.91 -27.51
N ILE A 1210 38.91 3.43 -28.63
CA ILE A 1210 38.43 2.06 -28.75
C ILE A 1210 39.29 1.29 -29.73
N ARG A 1211 40.54 1.74 -29.93
CA ARG A 1211 41.42 1.15 -30.94
C ARG A 1211 42.18 -0.05 -30.36
N GLY A 1212 41.40 -1.04 -29.91
CA GLY A 1212 41.95 -2.33 -29.56
C GLY A 1212 42.43 -3.04 -30.81
N VAL A 1213 43.73 -3.25 -30.94
CA VAL A 1213 44.32 -3.70 -32.20
C VAL A 1213 44.23 -5.20 -32.42
N ASP A 1214 43.52 -5.92 -31.55
CA ASP A 1214 43.34 -7.36 -31.73
C ASP A 1214 42.20 -7.68 -32.68
N CYS A 1215 40.96 -7.32 -32.33
CA CYS A 1215 39.82 -7.43 -33.23
C CYS A 1215 38.73 -6.48 -32.76
N ILE A 1216 37.82 -6.16 -33.67
CA ILE A 1216 36.68 -5.30 -33.38
C ILE A 1216 35.51 -5.71 -34.27
N GLY A 1217 34.36 -5.93 -33.65
CA GLY A 1217 33.16 -6.32 -34.37
C GLY A 1217 32.02 -5.33 -34.22
N VAL A 1218 31.06 -5.39 -35.12
CA VAL A 1218 29.94 -4.45 -35.17
C VAL A 1218 28.65 -5.24 -34.97
N ILE A 1219 27.82 -4.79 -34.03
CA ILE A 1219 26.56 -5.45 -33.74
C ILE A 1219 25.40 -4.61 -34.30
N GLN A 1220 24.52 -5.26 -35.06
CA GLN A 1220 23.33 -4.62 -35.63
C GLN A 1220 22.18 -5.61 -35.61
N ASP A 1221 21.16 -5.28 -34.81
CA ASP A 1221 19.89 -6.01 -34.73
C ASP A 1221 20.08 -7.47 -34.34
N GLY A 1222 21.07 -7.74 -33.49
CA GLY A 1222 21.32 -9.08 -33.02
C GLY A 1222 22.20 -9.92 -33.92
N ARG A 1223 22.90 -9.31 -34.86
CA ARG A 1223 23.84 -10.01 -35.71
C ARG A 1223 25.17 -9.26 -35.73
N ILE A 1224 26.21 -9.97 -36.16
CA ILE A 1224 27.46 -9.34 -36.55
C ILE A 1224 27.42 -9.11 -38.06
N VAL A 1225 27.92 -7.96 -38.50
CA VAL A 1225 27.92 -7.64 -39.92
C VAL A 1225 29.31 -7.54 -40.51
N GLU A 1226 30.34 -7.25 -39.71
CA GLU A 1226 31.70 -7.12 -40.19
C GLU A 1226 32.65 -7.36 -39.03
N GLN A 1227 33.76 -8.05 -39.31
CA GLN A 1227 34.72 -8.44 -38.29
C GLN A 1227 36.12 -8.32 -38.84
N GLY A 1228 37.03 -7.78 -38.05
CA GLY A 1228 38.40 -7.57 -38.46
C GLY A 1228 38.96 -6.32 -37.83
N SER A 1229 40.29 -6.19 -37.78
CA SER A 1229 40.94 -5.10 -37.07
C SER A 1229 40.75 -3.77 -37.80
N HIS A 1230 41.32 -2.71 -37.24
CA HIS A 1230 41.14 -1.35 -37.77
C HIS A 1230 42.15 -1.05 -38.89
N SER A 1231 42.25 -1.99 -39.84
CA SER A 1231 42.85 -1.77 -41.15
C SER A 1231 42.05 -2.43 -42.26
N GLU A 1232 41.16 -3.37 -41.95
CA GLU A 1232 40.20 -3.91 -42.89
C GLU A 1232 38.80 -3.37 -42.64
N LEU A 1233 38.64 -2.53 -41.63
CA LEU A 1233 37.36 -1.93 -41.28
C LEU A 1233 37.16 -0.58 -41.94
N VAL A 1234 38.22 0.22 -42.06
CA VAL A 1234 38.16 1.49 -42.78
C VAL A 1234 38.53 1.35 -44.24
N SER A 1235 39.09 0.20 -44.66
CA SER A 1235 39.46 0.00 -46.04
C SER A 1235 38.24 -0.15 -46.95
N ARG A 1236 37.15 -0.67 -46.42
CA ARG A 1236 35.89 -0.71 -47.15
C ARG A 1236 35.33 0.71 -47.30
N PRO A 1237 34.72 1.03 -48.46
CA PRO A 1237 34.28 2.41 -48.72
C PRO A 1237 33.18 2.92 -47.80
N GLU A 1238 32.05 2.22 -47.72
CA GLU A 1238 31.01 2.61 -46.77
C GLU A 1238 30.79 1.54 -45.70
N GLY A 1239 30.38 0.34 -46.10
CA GLY A 1239 29.96 -0.69 -45.13
C GLY A 1239 28.85 -0.17 -44.22
N ALA A 1240 29.16 -0.13 -42.93
CA ALA A 1240 28.36 0.60 -41.96
C ALA A 1240 29.19 1.38 -40.96
N TYR A 1241 30.51 1.17 -40.91
CA TYR A 1241 31.38 1.82 -39.94
C TYR A 1241 31.64 3.29 -40.27
N SER A 1242 31.77 3.63 -41.55
CA SER A 1242 32.12 4.99 -41.95
C SER A 1242 30.98 5.98 -41.74
N ARG A 1243 29.74 5.48 -41.62
CA ARG A 1243 28.64 6.34 -41.23
C ARG A 1243 28.81 6.83 -39.79
N LEU A 1244 29.36 5.97 -38.93
CA LEU A 1244 29.68 6.38 -37.57
C LEU A 1244 30.91 7.28 -37.52
N LEU A 1245 31.79 7.20 -38.51
CA LEU A 1245 32.92 8.12 -38.59
C LEU A 1245 32.47 9.54 -38.89
N GLN A 1246 31.32 9.69 -39.56
CA GLN A 1246 30.73 11.01 -39.77
C GLN A 1246 30.27 11.66 -38.47
N LEU A 1247 29.90 10.86 -37.47
CA LEU A 1247 29.41 11.37 -36.20
C LEU A 1247 30.51 11.85 -35.27
N GLN A 1248 31.78 11.68 -35.64
CA GLN A 1248 32.87 12.20 -34.82
C GLN A 1248 32.93 13.72 -34.89
N THR A 1249 32.65 14.29 -36.06
CA THR A 1249 32.63 15.73 -36.24
C THR A 1249 31.25 16.34 -36.04
N HIS A 1250 30.28 15.54 -35.60
CA HIS A 1250 28.91 16.02 -35.39
C HIS A 1250 28.65 16.40 -33.93
N ARG A 1251 29.67 16.85 -33.21
CA ARG A 1251 29.50 17.27 -31.82
C ARG A 1251 28.91 18.67 -31.74
PG ATP B . 5.48 17.17 -25.41
O1G ATP B . 6.65 16.95 -24.48
O2G ATP B . 4.62 18.35 -25.03
O3G ATP B . 4.71 15.92 -25.74
PB ATP B . 7.21 18.76 -27.06
O1B ATP B . 8.25 18.76 -25.96
O2B ATP B . 7.67 18.67 -28.49
O3B ATP B . 6.09 17.63 -26.84
PA ATP B . 6.98 21.57 -26.97
O1A ATP B . 8.09 21.56 -28.00
O2A ATP B . 5.85 22.56 -27.09
O3A ATP B . 6.32 20.10 -26.92
O5' ATP B . 7.64 21.77 -25.51
C5' ATP B . 6.82 22.11 -24.39
C4' ATP B . 7.67 22.63 -23.23
O4' ATP B . 6.83 23.16 -22.20
C3' ATP B . 8.51 21.55 -22.60
O3' ATP B . 9.90 21.73 -22.92
C2' ATP B . 8.31 21.68 -21.10
O2' ATP B . 9.56 21.95 -20.45
C1' ATP B . 7.36 22.84 -20.91
N9 ATP B . 6.28 22.46 -19.96
C8 ATP B . 5.24 21.66 -20.25
N7 ATP B . 4.42 21.51 -19.18
C5 ATP B . 4.95 22.22 -18.17
C6 ATP B . 4.59 22.49 -16.76
N6 ATP B . 3.48 21.95 -16.19
N1 ATP B . 5.40 23.30 -16.05
C2 ATP B . 6.50 23.84 -16.59
N3 ATP B . 6.89 23.64 -17.86
C4 ATP B . 6.17 22.85 -18.69
MG MG C . 8.34 17.69 -22.33
PG ATP D . 21.92 1.59 -21.42
O1G ATP D . 22.85 2.04 -20.31
O2G ATP D . 21.29 0.25 -21.14
O3G ATP D . 20.97 2.64 -21.93
PB ATP D . 22.38 0.86 -24.10
O1B ATP D . 20.93 0.46 -23.98
O2B ATP D . 22.77 1.92 -25.10
O3B ATP D . 22.93 1.33 -22.65
PA ATP D . 22.74 -1.95 -24.25
O1A ATP D . 23.89 -2.89 -24.58
O2A ATP D . 22.15 -2.06 -22.86
O3A ATP D . 23.28 -0.44 -24.39
O5' ATP D . 21.51 -2.12 -25.26
C5' ATP D . 20.37 -2.76 -24.68
C4' ATP D . 19.02 -2.57 -25.36
O4' ATP D . 18.21 -3.71 -25.02
C3' ATP D . 18.28 -1.35 -24.84
O3' ATP D . 17.76 -0.58 -25.93
C2' ATP D . 17.13 -1.87 -23.99
O2' ATP D . 15.90 -1.32 -24.45
C1' ATP D . 17.11 -3.38 -24.15
N9 ATP D . 17.37 -3.98 -22.82
C8 ATP D . 18.51 -4.59 -22.49
N7 ATP D . 18.48 -5.01 -21.20
C5 ATP D . 17.27 -4.75 -20.69
C6 ATP D . 16.54 -4.83 -19.37
N6 ATP D . 17.07 -5.45 -18.29
N1 ATP D . 15.30 -4.31 -19.29
C2 ATP D . 14.71 -3.68 -20.33
N3 ATP D . 15.32 -3.53 -21.52
C4 ATP D . 16.56 -4.00 -21.75
MG MG E . 19.53 0.93 -22.43
#